data_8IZY
#
_entry.id   8IZY
#
_cell.length_a   1.00
_cell.length_b   1.00
_cell.length_c   1.00
_cell.angle_alpha   90.00
_cell.angle_beta   90.00
_cell.angle_gamma   90.00
#
_symmetry.space_group_name_H-M   'P 1'
#
loop_
_entity.id
_entity.type
_entity.pdbx_description
1 polymer 'Potassium voltage-gated channel subfamily KQT member 2'
2 non-polymer 'methyl N-[4-[(4-fluorophenyl)methyl-prop-2-ynyl-amino]-2,6-dimethyl-phenyl]carbamate'
#
_entity_poly.entity_id   1
_entity_poly.type   'polypeptide(L)'
_entity_poly.pdbx_seq_one_letter_code
;MAGKPPKRNAFYRKLQNFLYNVLERPRGWAFIYHAYVFLLVFSCLVLSVFSTIKEYEKSSEGALYILEIVTIVVFGVEYF
VRIWAAGCCCRYRGWRGRLKFARKPFCVIDIMVLIASIAVLAAGSQGNVFATSALRSLRFLQILRMIRMDRRGGTWKLLG
SVVYAHSKELVTAWYIGFLCLILASFLVYLAEKGENDHFDTYADALWWGLITLTTIGYGDKYPQTWNGRLLAATFTLIGV
SFFALPAGILGSGFALKVQEQHRQKHFEKRRNPAAGLIQSAWRFYATNLSRTDLHSTWQYYERTVTVPMYSSQTQTYGAS
RLIPPLNQLELLRNLKSKSGLAFRKDPPPEPSPSKGSPCRGPLCGCCPGRSSQKVSLKDRVFSSPRGVAAKGKGSPQAQT
VRRSPSADQSLEDSPSKVPKSWSFGDRSRARQAFRIKGAASRQNSEEASLPGEDIVDDKSCPCEFVTEDLTPGLKVSIRA
VCVMRFLVSKRKFKESLRPYDVMDVIEQYSAGHLDMLSRIKSLQSRVDQIVGRGPAITDKDRTKGPAEAELPEDPSMMGR
LGKVEKQVLSMEKKLDFLVNIYMQRMGIPPTETEAYFGAKEPEPAPPYHSPEDSREHVDRHGCIVKIVRSSSSTGQKNFS
VEGGSSGGWSHPQFEK
;
_entity_poly.pdbx_strand_id   A,B,C,D
#
# COMPACT_ATOMS: atom_id res chain seq x y z
N ARG A 8 51.74 2.22 -31.17
CA ARG A 8 50.86 2.79 -30.15
C ARG A 8 49.41 2.75 -30.63
N ASN A 9 48.92 1.54 -30.90
CA ASN A 9 47.53 1.34 -31.32
C ASN A 9 46.81 0.27 -30.54
N ALA A 10 47.51 -0.62 -29.83
CA ALA A 10 46.82 -1.55 -28.95
C ALA A 10 46.20 -0.83 -27.77
N PHE A 11 46.98 0.03 -27.11
CA PHE A 11 46.44 0.83 -26.01
C PHE A 11 45.34 1.77 -26.50
N TYR A 12 45.53 2.34 -27.69
CA TYR A 12 44.51 3.21 -28.27
C TYR A 12 43.17 2.50 -28.37
N ARG A 13 43.17 1.32 -28.98
CA ARG A 13 41.92 0.59 -29.15
C ARG A 13 41.37 0.08 -27.83
N LYS A 14 42.26 -0.34 -26.92
CA LYS A 14 41.82 -0.78 -25.61
C LYS A 14 41.06 0.33 -24.90
N LEU A 15 41.67 1.52 -24.83
CA LEU A 15 41.03 2.65 -24.17
C LEU A 15 39.74 3.04 -24.86
N GLN A 16 39.72 3.07 -26.20
CA GLN A 16 38.51 3.46 -26.90
C GLN A 16 37.38 2.47 -26.61
N ASN A 17 37.68 1.17 -26.66
CA ASN A 17 36.68 0.15 -26.35
C ASN A 17 36.13 0.33 -24.95
N PHE A 18 37.02 0.43 -23.96
CA PHE A 18 36.57 0.51 -22.57
C PHE A 18 35.76 1.77 -22.34
N LEU A 19 36.21 2.90 -22.89
CA LEU A 19 35.51 4.17 -22.67
C LEU A 19 34.14 4.15 -23.34
N TYR A 20 34.04 3.62 -24.56
CA TYR A 20 32.74 3.55 -25.21
C TYR A 20 31.80 2.63 -24.43
N ASN A 21 32.33 1.50 -23.94
CA ASN A 21 31.49 0.59 -23.16
C ASN A 21 30.99 1.25 -21.89
N VAL A 22 31.86 1.98 -21.19
CA VAL A 22 31.46 2.62 -19.94
C VAL A 22 30.46 3.74 -20.20
N LEU A 23 30.75 4.58 -21.20
CA LEU A 23 29.92 5.74 -21.48
C LEU A 23 28.61 5.31 -22.15
N GLU A 24 28.69 4.39 -23.10
CA GLU A 24 27.51 3.77 -23.67
C GLU A 24 27.01 2.70 -22.70
N ARG A 25 26.14 1.81 -23.15
CA ARG A 25 25.42 0.90 -22.26
C ARG A 25 26.37 0.31 -21.22
N PRO A 26 26.22 0.67 -19.95
CA PRO A 26 27.03 0.05 -18.89
C PRO A 26 26.31 -1.12 -18.23
N ARG A 27 27.09 -1.91 -17.49
CA ARG A 27 26.54 -3.10 -16.85
C ARG A 27 26.92 -3.20 -15.38
N GLY A 28 28.04 -2.60 -15.00
CA GLY A 28 28.57 -2.78 -13.65
C GLY A 28 29.03 -1.52 -12.98
N TRP A 29 30.30 -1.49 -12.57
CA TRP A 29 30.84 -0.33 -11.87
C TRP A 29 30.83 0.92 -12.73
N ALA A 30 30.62 0.79 -14.05
CA ALA A 30 30.51 1.96 -14.90
C ALA A 30 29.38 2.87 -14.43
N PHE A 31 28.40 2.31 -13.71
CA PHE A 31 27.30 3.11 -13.21
C PHE A 31 27.75 4.11 -12.15
N ILE A 32 28.97 3.96 -11.63
CA ILE A 32 29.46 4.89 -10.61
C ILE A 32 29.58 6.29 -11.20
N TYR A 33 30.15 6.38 -12.41
CA TYR A 33 30.30 7.68 -13.06
C TYR A 33 28.94 8.30 -13.36
N HIS A 34 28.00 7.48 -13.83
CA HIS A 34 26.64 7.97 -14.10
C HIS A 34 26.01 8.48 -12.81
N ALA A 35 26.20 7.76 -11.71
CA ALA A 35 25.66 8.19 -10.42
C ALA A 35 26.26 9.53 -10.00
N TYR A 36 27.57 9.70 -10.20
CA TYR A 36 28.20 10.96 -9.81
C TYR A 36 27.67 12.13 -10.64
N VAL A 37 27.54 11.95 -11.96
CA VAL A 37 27.03 13.03 -12.79
C VAL A 37 25.58 13.32 -12.46
N PHE A 38 24.80 12.28 -12.16
CA PHE A 38 23.43 12.48 -11.72
C PHE A 38 23.38 13.27 -10.43
N LEU A 39 24.27 12.97 -9.50
CA LEU A 39 24.32 13.69 -8.24
C LEU A 39 24.63 15.16 -8.48
N LEU A 40 25.55 15.44 -9.39
CA LEU A 40 25.87 16.83 -9.71
C LEU A 40 24.64 17.57 -10.26
N VAL A 41 23.96 16.96 -11.24
CA VAL A 41 22.81 17.65 -11.83
C VAL A 41 21.69 17.78 -10.80
N PHE A 42 21.54 16.80 -9.92
CA PHE A 42 20.52 16.87 -8.88
C PHE A 42 20.82 17.99 -7.90
N SER A 43 22.10 18.17 -7.56
CA SER A 43 22.49 19.30 -6.72
C SER A 43 22.16 20.61 -7.40
N CYS A 44 22.41 20.69 -8.70
CA CYS A 44 22.06 21.89 -9.46
C CYS A 44 20.56 22.17 -9.36
N LEU A 45 19.74 21.12 -9.53
CA LEU A 45 18.30 21.28 -9.46
C LEU A 45 17.86 21.77 -8.07
N VAL A 46 18.43 21.17 -7.02
CA VAL A 46 18.04 21.55 -5.66
C VAL A 46 18.44 22.99 -5.39
N LEU A 47 19.62 23.40 -5.87
CA LEU A 47 20.04 24.78 -5.69
C LEU A 47 19.12 25.74 -6.43
N SER A 48 18.67 25.36 -7.63
CA SER A 48 17.69 26.20 -8.32
C SER A 48 16.40 26.31 -7.51
N VAL A 49 15.93 25.20 -6.96
CA VAL A 49 14.69 25.23 -6.18
C VAL A 49 14.86 26.15 -4.98
N PHE A 50 16.02 26.09 -4.32
CA PHE A 50 16.30 27.04 -3.24
C PHE A 50 16.35 28.47 -3.73
N SER A 51 16.88 28.69 -4.93
CA SER A 51 16.91 30.02 -5.53
C SER A 51 15.52 30.55 -5.84
N THR A 52 14.52 29.66 -5.96
CA THR A 52 13.16 30.14 -6.17
C THR A 52 12.64 30.96 -5.00
N ILE A 53 13.28 30.88 -3.84
CA ILE A 53 12.85 31.61 -2.65
C ILE A 53 13.64 32.90 -2.55
N LYS A 54 13.10 33.88 -1.82
CA LYS A 54 13.74 35.17 -1.66
C LYS A 54 14.70 35.21 -0.49
N GLU A 55 14.38 34.54 0.61
CA GLU A 55 15.24 34.59 1.80
C GLU A 55 16.61 34.00 1.51
N TYR A 56 16.66 32.86 0.82
CA TYR A 56 17.91 32.14 0.57
C TYR A 56 18.41 32.33 -0.85
N GLU A 57 17.98 33.39 -1.54
CA GLU A 57 18.38 33.57 -2.93
C GLU A 57 19.89 33.76 -3.06
N LYS A 58 20.49 34.53 -2.14
CA LYS A 58 21.89 34.91 -2.27
C LYS A 58 22.80 33.68 -2.40
N SER A 59 22.87 32.87 -1.34
CA SER A 59 23.75 31.71 -1.36
C SER A 59 23.39 30.76 -2.48
N SER A 60 22.09 30.62 -2.76
CA SER A 60 21.66 29.71 -3.81
C SER A 60 22.29 30.10 -5.15
N GLU A 61 22.16 31.37 -5.55
CA GLU A 61 22.74 31.76 -6.84
C GLU A 61 24.26 31.72 -6.79
N GLY A 62 24.83 32.08 -5.65
CA GLY A 62 26.29 32.04 -5.53
C GLY A 62 26.85 30.67 -5.83
N ALA A 63 26.20 29.62 -5.30
CA ALA A 63 26.64 28.27 -5.62
C ALA A 63 26.23 27.85 -7.03
N LEU A 64 25.03 28.25 -7.45
CA LEU A 64 24.44 27.73 -8.68
C LEU A 64 25.23 28.20 -9.90
N TYR A 65 25.76 29.43 -9.87
CA TYR A 65 26.51 29.91 -11.02
C TYR A 65 27.70 28.99 -11.32
N ILE A 66 28.53 28.75 -10.32
CA ILE A 66 29.73 27.93 -10.54
C ILE A 66 29.33 26.49 -10.81
N LEU A 67 28.29 25.98 -10.14
CA LEU A 67 27.89 24.59 -10.39
C LEU A 67 27.40 24.43 -11.82
N GLU A 68 26.66 25.41 -12.34
CA GLU A 68 26.19 25.34 -13.72
C GLU A 68 27.36 25.40 -14.70
N ILE A 69 28.35 26.24 -14.41
CA ILE A 69 29.54 26.27 -15.27
C ILE A 69 30.21 24.89 -15.26
N VAL A 70 30.36 24.29 -14.08
N VAL A 70 30.36 24.29 -14.08
CA VAL A 70 31.03 23.01 -13.98
CA VAL A 70 31.03 23.01 -13.98
C VAL A 70 30.27 21.94 -14.75
C VAL A 70 30.27 21.94 -14.75
N THR A 71 28.95 21.90 -14.60
CA THR A 71 28.17 20.89 -15.29
C THR A 71 28.20 21.09 -16.80
N ILE A 72 28.23 22.34 -17.28
CA ILE A 72 28.38 22.57 -18.71
C ILE A 72 29.70 22.02 -19.20
N VAL A 73 30.78 22.30 -18.46
CA VAL A 73 32.10 21.77 -18.85
C VAL A 73 32.06 20.26 -18.92
N VAL A 74 31.49 19.62 -17.89
CA VAL A 74 31.46 18.17 -17.83
C VAL A 74 30.66 17.60 -18.98
N PHE A 75 29.49 18.18 -19.27
CA PHE A 75 28.66 17.66 -20.35
C PHE A 75 29.34 17.82 -21.70
N GLY A 76 30.01 18.95 -21.93
CA GLY A 76 30.72 19.12 -23.19
C GLY A 76 31.82 18.09 -23.35
N VAL A 77 32.61 17.89 -22.29
CA VAL A 77 33.69 16.91 -22.37
C VAL A 77 33.12 15.52 -22.63
N GLU A 78 32.03 15.17 -21.92
CA GLU A 78 31.43 13.86 -22.12
C GLU A 78 30.94 13.68 -23.55
N TYR A 79 30.29 14.70 -24.10
CA TYR A 79 29.80 14.59 -25.47
C TYR A 79 30.94 14.38 -26.45
N PHE A 80 32.02 15.15 -26.30
CA PHE A 80 33.13 15.01 -27.24
C PHE A 80 33.80 13.65 -27.11
N VAL A 81 34.01 13.16 -25.89
CA VAL A 81 34.65 11.87 -25.73
C VAL A 81 33.75 10.76 -26.25
N ARG A 82 32.44 10.90 -26.07
CA ARG A 82 31.51 9.92 -26.64
C ARG A 82 31.61 9.91 -28.15
N ILE A 83 31.65 11.09 -28.77
CA ILE A 83 31.77 11.14 -30.23
C ILE A 83 33.06 10.46 -30.67
N TRP A 84 34.16 10.72 -29.97
CA TRP A 84 35.42 10.10 -30.36
C TRP A 84 35.37 8.58 -30.20
N ALA A 85 34.87 8.10 -29.05
CA ALA A 85 34.82 6.66 -28.78
C ALA A 85 33.78 5.94 -29.60
N ALA A 86 32.89 6.68 -30.29
CA ALA A 86 31.90 6.01 -31.13
C ALA A 86 32.55 5.17 -32.22
N GLY A 87 33.81 5.42 -32.57
CA GLY A 87 34.49 4.61 -33.54
C GLY A 87 34.71 3.17 -33.12
N CYS A 88 34.49 2.86 -31.85
CA CYS A 88 34.64 1.48 -31.37
C CYS A 88 33.71 0.54 -32.12
N CYS A 89 32.45 0.93 -32.27
CA CYS A 89 31.48 0.06 -32.93
C CYS A 89 31.86 -0.12 -34.39
N CYS A 90 31.64 -1.34 -34.89
CA CYS A 90 32.01 -1.66 -36.27
C CYS A 90 31.22 -0.84 -37.28
N ARG A 91 30.06 -0.33 -36.90
CA ARG A 91 29.23 0.42 -37.85
C ARG A 91 29.79 1.81 -38.08
N TYR A 92 29.90 2.61 -37.03
CA TYR A 92 30.40 3.99 -37.14
C TYR A 92 31.92 3.94 -37.16
N ARG A 93 32.50 4.16 -38.34
CA ARG A 93 33.94 4.14 -38.51
C ARG A 93 34.37 5.34 -39.36
N GLY A 94 35.49 5.93 -38.98
CA GLY A 94 36.06 7.00 -39.78
C GLY A 94 35.29 8.30 -39.69
N TRP A 95 35.73 9.25 -40.53
CA TRP A 95 35.11 10.57 -40.54
C TRP A 95 33.63 10.49 -40.89
N ARG A 96 33.31 9.73 -41.95
CA ARG A 96 31.92 9.60 -42.36
C ARG A 96 31.10 8.89 -41.30
N GLY A 97 31.66 7.84 -40.69
CA GLY A 97 30.93 7.13 -39.66
C GLY A 97 30.60 8.01 -38.47
N ARG A 98 31.59 8.77 -37.99
CA ARG A 98 31.34 9.65 -36.85
C ARG A 98 30.41 10.79 -37.22
N LEU A 99 30.50 11.29 -38.46
CA LEU A 99 29.57 12.34 -38.88
C LEU A 99 28.14 11.84 -38.90
N LYS A 100 27.93 10.62 -39.41
CA LYS A 100 26.58 10.06 -39.46
C LYS A 100 26.10 9.58 -38.09
N PHE A 101 27.01 9.37 -37.15
CA PHE A 101 26.60 8.99 -35.80
C PHE A 101 25.74 10.07 -35.16
N ALA A 102 26.08 11.34 -35.38
CA ALA A 102 25.42 12.43 -34.68
C ALA A 102 23.94 12.55 -35.05
N ARG A 103 23.50 11.91 -36.13
CA ARG A 103 22.11 12.06 -36.57
C ARG A 103 21.11 11.41 -35.62
N LYS A 104 21.58 10.60 -34.66
CA LYS A 104 20.65 9.95 -33.75
C LYS A 104 19.95 10.98 -32.88
N PRO A 105 18.71 10.69 -32.45
CA PRO A 105 17.96 11.72 -31.70
C PRO A 105 18.65 12.18 -30.42
N PHE A 106 19.29 11.26 -29.71
CA PHE A 106 19.82 11.62 -28.40
C PHE A 106 21.10 12.44 -28.52
N CYS A 107 21.94 12.16 -29.50
CA CYS A 107 23.15 12.95 -29.68
C CYS A 107 22.82 14.39 -30.06
N VAL A 108 21.88 14.56 -30.98
CA VAL A 108 21.46 15.91 -31.36
C VAL A 108 20.77 16.59 -30.18
N ILE A 109 20.01 15.83 -29.40
CA ILE A 109 19.40 16.39 -28.20
C ILE A 109 20.48 16.92 -27.26
N ASP A 110 21.53 16.12 -27.05
CA ASP A 110 22.61 16.53 -26.16
C ASP A 110 23.30 17.79 -26.67
N ILE A 111 23.65 17.83 -27.95
CA ILE A 111 24.41 18.96 -28.47
C ILE A 111 23.56 20.23 -28.41
N MET A 112 22.31 20.15 -28.86
CA MET A 112 21.43 21.30 -28.77
C MET A 112 21.21 21.72 -27.32
N VAL A 113 21.17 20.76 -26.40
CA VAL A 113 20.92 21.07 -25.00
C VAL A 113 22.07 21.86 -24.41
N LEU A 114 23.30 21.39 -24.63
CA LEU A 114 24.44 22.11 -24.09
C LEU A 114 24.59 23.47 -24.77
N ILE A 115 24.26 23.57 -26.06
CA ILE A 115 24.27 24.88 -26.73
C ILE A 115 23.28 25.81 -26.06
N ALA A 116 22.05 25.34 -25.84
CA ALA A 116 21.02 26.18 -25.25
C ALA A 116 21.40 26.63 -23.84
N SER A 117 21.94 25.71 -23.04
CA SER A 117 22.26 26.07 -21.66
C SER A 117 23.47 27.02 -21.62
N ILE A 118 24.44 26.83 -22.50
CA ILE A 118 25.58 27.75 -22.54
C ILE A 118 25.11 29.13 -22.99
N ALA A 119 24.15 29.18 -23.91
CA ALA A 119 23.58 30.48 -24.31
C ALA A 119 22.84 31.12 -23.15
N VAL A 120 22.07 30.33 -22.40
CA VAL A 120 21.29 30.88 -21.28
C VAL A 120 22.22 31.44 -20.22
N LEU A 121 23.24 30.69 -19.83
CA LEU A 121 24.19 31.18 -18.83
C LEU A 121 25.05 32.32 -19.37
N ALA A 122 25.21 32.41 -20.69
CA ALA A 122 26.01 33.47 -21.29
C ALA A 122 25.16 34.30 -22.24
N SER A 133 15.49 36.48 -15.09
CA SER A 133 14.12 36.09 -15.44
C SER A 133 14.11 34.88 -16.37
N ALA A 134 15.29 34.33 -16.65
CA ALA A 134 15.44 33.18 -17.54
C ALA A 134 15.48 31.86 -16.76
N LEU A 135 15.27 31.89 -15.45
CA LEU A 135 15.36 30.67 -14.66
C LEU A 135 14.32 29.65 -15.06
N ARG A 136 13.21 30.07 -15.67
CA ARG A 136 12.23 29.11 -16.17
C ARG A 136 12.84 28.22 -17.24
N SER A 137 13.61 28.81 -18.15
CA SER A 137 14.30 28.00 -19.15
C SER A 137 15.29 27.05 -18.50
N LEU A 138 15.96 27.52 -17.43
CA LEU A 138 16.88 26.65 -16.71
C LEU A 138 16.14 25.45 -16.11
N ARG A 139 14.98 25.69 -15.52
CA ARG A 139 14.20 24.58 -14.97
C ARG A 139 13.80 23.60 -16.07
N PHE A 140 13.34 24.13 -17.20
CA PHE A 140 12.94 23.27 -18.31
C PHE A 140 14.10 22.42 -18.78
N LEU A 141 15.27 23.04 -18.99
CA LEU A 141 16.42 22.29 -19.46
C LEU A 141 16.92 21.30 -18.42
N GLN A 142 16.79 21.62 -17.13
CA GLN A 142 17.23 20.67 -16.11
C GLN A 142 16.34 19.43 -16.08
N ILE A 143 15.01 19.62 -16.11
CA ILE A 143 14.13 18.46 -16.14
C ILE A 143 14.34 17.68 -17.43
N LEU A 144 14.63 18.37 -18.54
CA LEU A 144 14.91 17.67 -19.78
C LEU A 144 16.19 16.85 -19.67
N ARG A 145 17.22 17.38 -19.00
CA ARG A 145 18.43 16.60 -18.78
C ARG A 145 18.13 15.37 -17.95
N MET A 146 17.28 15.50 -16.93
CA MET A 146 16.86 14.34 -16.16
C MET A 146 16.17 13.32 -17.06
N ILE A 147 15.32 13.79 -17.98
CA ILE A 147 14.70 12.90 -18.96
C ILE A 147 15.78 12.20 -19.78
N ARG A 148 16.84 12.91 -20.13
CA ARG A 148 17.91 12.35 -20.96
C ARG A 148 18.69 11.26 -20.24
N MET A 149 18.50 11.11 -18.92
CA MET A 149 19.31 10.17 -18.16
C MET A 149 19.19 8.75 -18.70
N ASP A 150 18.04 8.41 -19.29
CA ASP A 150 17.83 7.06 -19.79
C ASP A 150 18.67 6.82 -21.05
N ARG A 151 18.45 7.63 -22.09
CA ARG A 151 19.23 7.57 -23.32
C ARG A 151 18.87 6.37 -24.19
N ARG A 152 18.01 5.48 -23.70
CA ARG A 152 17.60 4.32 -24.48
C ARG A 152 16.13 3.96 -24.34
N GLY A 153 15.37 4.63 -23.46
CA GLY A 153 13.98 4.28 -23.28
C GLY A 153 13.74 2.90 -22.72
N GLY A 154 14.75 2.31 -22.07
CA GLY A 154 14.58 0.98 -21.51
C GLY A 154 13.51 0.95 -20.43
N THR A 155 13.48 1.97 -19.58
CA THR A 155 12.45 2.05 -18.54
C THR A 155 11.06 2.02 -19.16
N TRP A 156 10.82 2.84 -20.20
CA TRP A 156 9.52 2.89 -20.82
C TRP A 156 9.16 1.56 -21.46
N LYS A 157 10.12 0.92 -22.13
CA LYS A 157 9.83 -0.37 -22.76
C LYS A 157 9.48 -1.43 -21.74
N LEU A 158 10.23 -1.49 -20.64
CA LEU A 158 9.93 -2.47 -19.59
C LEU A 158 8.55 -2.22 -18.99
N LEU A 159 8.25 -0.95 -18.69
CA LEU A 159 6.94 -0.63 -18.14
C LEU A 159 5.82 -1.02 -19.11
N GLY A 160 6.00 -0.69 -20.39
CA GLY A 160 4.98 -1.03 -21.36
C GLY A 160 4.78 -2.53 -21.49
N SER A 161 5.87 -3.30 -21.49
CA SER A 161 5.75 -4.74 -21.57
C SER A 161 4.97 -5.29 -20.39
N VAL A 162 5.33 -4.88 -19.18
CA VAL A 162 4.64 -5.42 -18.00
C VAL A 162 3.19 -4.97 -17.98
N VAL A 163 2.90 -3.75 -18.41
CA VAL A 163 1.52 -3.27 -18.43
C VAL A 163 0.70 -4.05 -19.45
N TYR A 164 1.27 -4.30 -20.64
CA TYR A 164 0.53 -5.05 -21.65
C TYR A 164 0.28 -6.48 -21.19
N ALA A 165 1.25 -7.09 -20.51
CA ALA A 165 1.07 -8.47 -20.05
C ALA A 165 -0.12 -8.57 -19.10
N HIS A 166 -0.28 -7.59 -18.21
CA HIS A 166 -1.34 -7.60 -17.20
C HIS A 166 -2.48 -6.67 -17.55
N SER A 167 -2.78 -6.49 -18.84
CA SER A 167 -3.77 -5.50 -19.24
C SER A 167 -5.16 -5.84 -18.71
N LYS A 168 -5.54 -7.12 -18.73
CA LYS A 168 -6.89 -7.50 -18.36
C LYS A 168 -7.19 -7.16 -16.91
N GLU A 169 -6.27 -7.47 -16.00
CA GLU A 169 -6.50 -7.19 -14.58
C GLU A 169 -6.42 -5.71 -14.28
N LEU A 170 -5.52 -4.99 -14.95
CA LEU A 170 -5.51 -3.54 -14.78
C LEU A 170 -6.86 -2.96 -15.20
N VAL A 171 -7.42 -3.44 -16.31
CA VAL A 171 -8.69 -2.92 -16.78
C VAL A 171 -9.80 -3.24 -15.79
N THR A 172 -9.85 -4.48 -15.28
CA THR A 172 -10.92 -4.83 -14.35
C THR A 172 -10.80 -4.02 -13.06
N ALA A 173 -9.58 -3.83 -12.55
CA ALA A 173 -9.39 -3.04 -11.35
C ALA A 173 -9.81 -1.59 -11.58
N TRP A 174 -9.42 -1.01 -12.72
CA TRP A 174 -9.80 0.37 -13.01
C TRP A 174 -11.31 0.50 -13.11
N TYR A 175 -11.96 -0.44 -13.80
CA TYR A 175 -13.41 -0.39 -13.96
C TYR A 175 -14.11 -0.43 -12.61
N ILE A 176 -13.76 -1.40 -11.77
CA ILE A 176 -14.46 -1.55 -10.50
C ILE A 176 -14.15 -0.38 -9.57
N GLY A 177 -12.90 0.10 -9.58
CA GLY A 177 -12.58 1.25 -8.75
C GLY A 177 -13.33 2.49 -9.15
N PHE A 178 -13.43 2.74 -10.46
CA PHE A 178 -14.19 3.90 -10.92
C PHE A 178 -15.67 3.79 -10.54
N LEU A 179 -16.25 2.60 -10.71
CA LEU A 179 -17.65 2.43 -10.33
C LEU A 179 -17.84 2.67 -8.84
N CYS A 180 -16.94 2.14 -8.01
CA CYS A 180 -17.05 2.34 -6.57
C CYS A 180 -16.91 3.82 -6.21
N LEU A 181 -15.98 4.51 -6.85
CA LEU A 181 -15.81 5.93 -6.59
C LEU A 181 -17.09 6.69 -6.91
N ILE A 182 -17.67 6.44 -8.08
CA ILE A 182 -18.88 7.17 -8.48
C ILE A 182 -20.00 6.88 -7.51
N LEU A 183 -20.22 5.61 -7.19
CA LEU A 183 -21.33 5.24 -6.31
C LEU A 183 -21.15 5.88 -4.93
N ALA A 184 -19.97 5.76 -4.35
CA ALA A 184 -19.74 6.29 -3.02
C ALA A 184 -19.91 7.81 -3.00
N SER A 185 -19.34 8.50 -3.99
CA SER A 185 -19.46 9.95 -4.03
C SER A 185 -20.91 10.38 -4.14
N PHE A 186 -21.68 9.73 -5.03
CA PHE A 186 -23.08 10.11 -5.19
C PHE A 186 -23.87 9.85 -3.92
N LEU A 187 -23.65 8.69 -3.29
CA LEU A 187 -24.43 8.38 -2.08
C LEU A 187 -24.10 9.34 -0.95
N VAL A 188 -22.82 9.67 -0.77
CA VAL A 188 -22.45 10.60 0.28
C VAL A 188 -23.00 11.99 -0.01
N TYR A 189 -22.94 12.42 -1.28
CA TYR A 189 -23.50 13.71 -1.63
C TYR A 189 -24.98 13.78 -1.34
N LEU A 190 -25.72 12.72 -1.65
CA LEU A 190 -27.14 12.68 -1.30
C LEU A 190 -27.32 12.75 0.21
N ALA A 191 -26.51 12.01 0.96
CA ALA A 191 -26.69 11.93 2.41
C ALA A 191 -26.26 13.20 3.14
N GLU A 192 -25.49 14.07 2.50
CA GLU A 192 -24.96 15.26 3.16
C GLU A 192 -25.08 16.49 2.26
N LYS A 193 -26.24 16.66 1.64
CA LYS A 193 -26.43 17.82 0.78
C LYS A 193 -26.55 19.11 1.59
N GLY A 194 -27.32 19.09 2.67
CA GLY A 194 -27.63 20.31 3.40
C GLY A 194 -27.07 20.36 4.80
N GLU A 195 -26.77 19.20 5.39
CA GLU A 195 -26.30 19.15 6.76
C GLU A 195 -24.80 19.38 6.90
N ASN A 196 -24.06 19.40 5.80
CA ASN A 196 -22.61 19.63 5.83
C ASN A 196 -22.25 20.56 4.69
N ASP A 197 -21.61 21.68 5.02
CA ASP A 197 -21.25 22.66 4.00
C ASP A 197 -20.10 22.20 3.12
N HIS A 198 -19.37 21.15 3.52
CA HIS A 198 -18.31 20.63 2.67
C HIS A 198 -18.86 20.12 1.35
N PHE A 199 -19.97 19.37 1.40
CA PHE A 199 -20.56 18.77 0.21
C PHE A 199 -21.75 19.62 -0.24
N ASP A 200 -21.43 20.70 -0.97
CA ASP A 200 -22.45 21.57 -1.50
C ASP A 200 -22.71 21.37 -2.99
N THR A 201 -21.76 20.78 -3.72
CA THR A 201 -21.95 20.43 -5.11
C THR A 201 -21.40 19.04 -5.35
N TYR A 202 -21.90 18.39 -6.40
CA TYR A 202 -21.43 17.04 -6.72
C TYR A 202 -19.93 17.03 -7.02
N ALA A 203 -19.40 18.14 -7.53
CA ALA A 203 -17.96 18.21 -7.76
C ALA A 203 -17.19 18.08 -6.45
N ASP A 204 -17.68 18.70 -5.38
CA ASP A 204 -17.03 18.58 -4.08
C ASP A 204 -17.07 17.14 -3.58
N ALA A 205 -18.20 16.46 -3.77
CA ALA A 205 -18.29 15.06 -3.36
C ALA A 205 -17.33 14.19 -4.15
N LEU A 206 -17.20 14.45 -5.46
CA LEU A 206 -16.26 13.69 -6.27
C LEU A 206 -14.83 13.93 -5.81
N TRP A 207 -14.50 15.18 -5.49
CA TRP A 207 -13.16 15.49 -4.98
C TRP A 207 -12.91 14.75 -3.66
N TRP A 208 -13.89 14.75 -2.77
CA TRP A 208 -13.74 14.03 -1.51
C TRP A 208 -13.52 12.54 -1.75
N GLY A 209 -14.31 11.96 -2.65
CA GLY A 209 -14.16 10.54 -2.93
C GLY A 209 -12.79 10.21 -3.51
N LEU A 210 -12.31 11.03 -4.43
CA LEU A 210 -10.98 10.81 -5.00
C LEU A 210 -9.91 10.91 -3.92
N ILE A 211 -10.03 11.88 -3.02
CA ILE A 211 -9.00 12.06 -2.00
C ILE A 211 -9.09 10.99 -0.92
N THR A 212 -10.24 10.36 -0.73
CA THR A 212 -10.36 9.33 0.31
C THR A 212 -10.04 7.93 -0.21
N LEU A 213 -10.44 7.60 -1.43
CA LEU A 213 -10.18 6.25 -1.95
C LEU A 213 -8.71 6.06 -2.30
N THR A 214 -7.97 7.14 -2.52
CA THR A 214 -6.53 7.04 -2.65
C THR A 214 -5.82 7.01 -1.30
N THR A 215 -6.55 7.24 -0.21
CA THR A 215 -6.01 7.30 1.15
C THR A 215 -5.10 8.50 1.37
N ILE A 216 -5.20 9.52 0.53
CA ILE A 216 -4.44 10.75 0.76
C ILE A 216 -5.01 11.48 1.98
N GLY A 217 -6.32 11.63 2.06
CA GLY A 217 -6.98 12.18 3.22
C GLY A 217 -6.48 13.53 3.68
N TYR A 218 -6.74 14.58 2.89
CA TYR A 218 -6.34 15.92 3.29
C TYR A 218 -7.02 16.33 4.59
N GLY A 219 -8.32 16.05 4.71
CA GLY A 219 -9.11 16.52 5.82
C GLY A 219 -9.91 17.77 5.54
N ASP A 220 -9.76 18.37 4.36
CA ASP A 220 -10.55 19.54 4.02
C ASP A 220 -12.05 19.21 3.94
N LYS A 221 -12.38 17.98 3.57
CA LYS A 221 -13.76 17.52 3.50
C LYS A 221 -13.87 16.15 4.14
N TYR A 222 -14.95 15.93 4.88
CA TYR A 222 -15.23 14.62 5.44
C TYR A 222 -16.66 14.56 5.96
N PRO A 223 -17.31 13.40 5.90
CA PRO A 223 -18.71 13.33 6.34
C PRO A 223 -18.85 13.59 7.82
N GLN A 224 -20.00 14.15 8.20
CA GLN A 224 -20.25 14.50 9.59
C GLN A 224 -21.59 13.94 10.06
N THR A 225 -22.56 13.81 9.17
CA THR A 225 -23.83 13.19 9.52
C THR A 225 -23.68 11.68 9.65
N TRP A 226 -24.59 11.06 10.39
CA TRP A 226 -24.50 9.63 10.59
C TRP A 226 -24.67 8.87 9.28
N ASN A 227 -25.50 9.37 8.37
CA ASN A 227 -25.66 8.73 7.07
C ASN A 227 -24.33 8.66 6.33
N GLY A 228 -23.63 9.79 6.24
CA GLY A 228 -22.39 9.82 5.50
C GLY A 228 -21.35 8.88 6.07
N ARG A 229 -21.20 8.91 7.40
CA ARG A 229 -20.21 8.04 8.03
C ARG A 229 -20.59 6.57 7.86
N LEU A 230 -21.87 6.25 7.98
CA LEU A 230 -22.31 4.86 7.80
C LEU A 230 -22.04 4.38 6.38
N LEU A 231 -22.32 5.21 5.38
CA LEU A 231 -22.09 4.78 4.00
C LEU A 231 -20.60 4.69 3.69
N ALA A 232 -19.82 5.62 4.22
CA ALA A 232 -18.37 5.55 4.02
C ALA A 232 -17.80 4.27 4.63
N ALA A 233 -18.23 3.92 5.84
CA ALA A 233 -17.67 2.76 6.53
C ALA A 233 -17.66 1.51 5.66
N THR A 234 -18.47 1.47 4.60
CA THR A 234 -18.46 0.36 3.66
C THR A 234 -17.80 0.72 2.33
N PHE A 235 -18.22 1.84 1.73
CA PHE A 235 -17.75 2.13 0.39
C PHE A 235 -16.27 2.48 0.37
N THR A 236 -15.77 3.19 1.38
CA THR A 236 -14.34 3.45 1.43
C THR A 236 -13.55 2.17 1.69
N LEU A 237 -14.09 1.25 2.50
CA LEU A 237 -13.40 -0.01 2.72
C LEU A 237 -13.22 -0.77 1.41
N ILE A 238 -14.24 -0.77 0.55
CA ILE A 238 -14.10 -1.43 -0.75
C ILE A 238 -13.15 -0.64 -1.66
N GLY A 239 -13.35 0.67 -1.72
CA GLY A 239 -12.64 1.48 -2.70
C GLY A 239 -11.15 1.58 -2.42
N VAL A 240 -10.75 1.60 -1.15
CA VAL A 240 -9.34 1.71 -0.83
C VAL A 240 -8.57 0.52 -1.40
N SER A 241 -9.12 -0.69 -1.19
CA SER A 241 -8.50 -1.88 -1.74
C SER A 241 -8.50 -1.86 -3.26
N PHE A 242 -9.63 -1.50 -3.86
CA PHE A 242 -9.66 -1.52 -5.33
C PHE A 242 -8.85 -0.40 -5.96
N PHE A 243 -8.42 0.59 -5.18
CA PHE A 243 -7.52 1.62 -5.66
C PHE A 243 -6.06 1.27 -5.40
N ALA A 244 -5.78 0.49 -4.36
CA ALA A 244 -4.43 0.00 -4.15
C ALA A 244 -4.08 -1.18 -5.05
N LEU A 245 -5.09 -1.85 -5.62
CA LEU A 245 -4.83 -3.04 -6.45
C LEU A 245 -3.81 -2.82 -7.56
N PRO A 246 -3.90 -1.76 -8.38
CA PRO A 246 -2.99 -1.67 -9.54
C PRO A 246 -1.52 -1.71 -9.18
N ALA A 247 -1.12 -1.02 -8.11
CA ALA A 247 0.28 -1.01 -7.72
C ALA A 247 0.75 -2.40 -7.32
N GLY A 248 -0.08 -3.13 -6.57
CA GLY A 248 0.27 -4.49 -6.21
C GLY A 248 0.39 -5.40 -7.42
N ILE A 249 -0.56 -5.26 -8.36
CA ILE A 249 -0.50 -6.07 -9.57
C ILE A 249 0.80 -5.82 -10.32
N LEU A 250 1.16 -4.54 -10.49
CA LEU A 250 2.36 -4.23 -11.25
C LEU A 250 3.63 -4.67 -10.52
N GLY A 251 3.65 -4.52 -9.20
CA GLY A 251 4.82 -4.97 -8.44
C GLY A 251 5.01 -6.47 -8.54
N SER A 252 3.93 -7.24 -8.38
CA SER A 252 4.03 -8.67 -8.53
C SER A 252 4.43 -9.06 -9.96
N GLY A 253 3.93 -8.33 -10.95
CA GLY A 253 4.35 -8.59 -12.31
C GLY A 253 5.85 -8.39 -12.49
N PHE A 254 6.39 -7.30 -11.96
CA PHE A 254 7.82 -7.06 -12.06
C PHE A 254 8.62 -8.16 -11.37
N ALA A 255 8.19 -8.56 -10.17
CA ALA A 255 8.93 -9.58 -9.43
C ALA A 255 8.89 -10.93 -10.17
N LEU A 256 7.73 -11.31 -10.68
CA LEU A 256 7.63 -12.57 -11.42
C LEU A 256 8.46 -12.52 -12.69
N LYS A 257 8.47 -11.38 -13.37
CA LYS A 257 9.30 -11.24 -14.56
C LYS A 257 10.78 -11.42 -14.22
N VAL A 258 11.22 -10.84 -13.11
CA VAL A 258 12.61 -11.05 -12.69
C VAL A 258 12.86 -12.51 -12.41
N GLN A 259 11.95 -13.18 -11.71
CA GLN A 259 12.17 -14.59 -11.39
C GLN A 259 12.31 -15.41 -12.66
N GLU A 260 11.39 -15.23 -13.61
CA GLU A 260 11.44 -16.02 -14.84
C GLU A 260 12.69 -15.70 -15.65
N GLN A 261 13.06 -14.42 -15.74
CA GLN A 261 14.26 -14.05 -16.47
C GLN A 261 15.50 -14.67 -15.85
N HIS A 262 15.59 -14.64 -14.52
CA HIS A 262 16.75 -15.19 -13.84
C HIS A 262 16.85 -16.69 -14.06
N ARG A 263 15.72 -17.40 -13.92
CA ARG A 263 15.77 -18.85 -14.15
C ARG A 263 16.13 -19.17 -15.59
N GLN A 264 15.56 -18.42 -16.54
CA GLN A 264 15.86 -18.68 -17.95
C GLN A 264 17.33 -18.43 -18.25
N LYS A 265 17.90 -17.35 -17.72
CA LYS A 265 19.31 -17.06 -17.97
C LYS A 265 20.20 -18.09 -17.30
N HIS A 266 19.80 -18.58 -16.11
CA HIS A 266 20.58 -19.64 -15.48
C HIS A 266 20.51 -20.93 -16.27
N PHE A 267 19.40 -21.20 -16.94
CA PHE A 267 19.33 -22.35 -17.83
C PHE A 267 20.34 -22.22 -18.96
N GLU A 268 20.47 -21.03 -19.53
CA GLU A 268 21.46 -20.77 -20.58
C GLU A 268 22.07 -19.38 -20.42
N ARG B 8 34.92 -34.62 35.14
CA ARG B 8 33.96 -33.53 35.00
C ARG B 8 34.31 -32.65 33.80
N ASN B 9 34.34 -33.27 32.62
CA ASN B 9 34.62 -32.56 31.38
C ASN B 9 33.60 -32.82 30.29
N ALA B 10 32.81 -33.89 30.37
CA ALA B 10 31.72 -34.08 29.40
C ALA B 10 30.64 -33.02 29.60
N PHE B 11 30.20 -32.83 30.85
CA PHE B 11 29.22 -31.78 31.14
C PHE B 11 29.79 -30.40 30.81
N TYR B 12 31.07 -30.18 31.12
CA TYR B 12 31.71 -28.91 30.81
C TYR B 12 31.57 -28.58 29.32
N ARG B 13 31.97 -29.52 28.46
CA ARG B 13 31.92 -29.28 27.03
C ARG B 13 30.49 -29.19 26.53
N LYS B 14 29.59 -30.03 27.08
CA LYS B 14 28.19 -29.95 26.69
C LYS B 14 27.63 -28.56 26.94
N LEU B 15 27.82 -28.06 28.17
CA LEU B 15 27.31 -26.73 28.51
C LEU B 15 27.96 -25.65 27.66
N GLN B 16 29.28 -25.73 27.46
CA GLN B 16 29.95 -24.71 26.66
C GLN B 16 29.41 -24.69 25.23
N ASN B 17 29.25 -25.87 24.62
CA ASN B 17 28.70 -25.96 23.28
C ASN B 17 27.30 -25.35 23.22
N PHE B 18 26.42 -25.78 24.13
CA PHE B 18 25.04 -25.30 24.07
C PHE B 18 24.96 -23.80 24.31
N LEU B 19 25.73 -23.29 25.27
CA LEU B 19 25.69 -21.87 25.57
C LEU B 19 26.24 -21.04 24.41
N TYR B 20 27.34 -21.49 23.80
CA TYR B 20 27.86 -20.75 22.66
C TYR B 20 26.87 -20.75 21.50
N ASN B 21 26.23 -21.90 21.25
CA ASN B 21 25.25 -21.96 20.17
C ASN B 21 24.07 -21.04 20.44
N VAL B 22 23.57 -21.01 21.68
CA VAL B 22 22.43 -20.17 21.99
C VAL B 22 22.81 -18.69 21.91
N LEU B 23 23.95 -18.34 22.52
CA LEU B 23 24.36 -16.94 22.57
C LEU B 23 24.85 -16.46 21.21
N GLU B 24 25.64 -17.28 20.52
CA GLU B 24 25.99 -17.02 19.13
C GLU B 24 24.81 -17.43 18.26
N ARG B 25 25.04 -17.57 16.96
CA ARG B 25 23.95 -17.73 15.98
C ARG B 25 22.90 -18.69 16.52
N PRO B 26 21.70 -18.22 16.82
CA PRO B 26 20.62 -19.12 17.22
C PRO B 26 19.73 -19.50 16.05
N ARG B 27 18.91 -20.53 16.26
CA ARG B 27 18.05 -21.04 15.20
C ARG B 27 16.62 -21.23 15.66
N GLY B 28 16.41 -21.47 16.96
CA GLY B 28 15.11 -21.85 17.46
C GLY B 28 14.70 -21.13 18.74
N TRP B 29 14.40 -21.91 19.78
CA TRP B 29 13.95 -21.34 21.03
C TRP B 29 15.01 -20.45 21.68
N ALA B 30 16.26 -20.52 21.21
CA ALA B 30 17.29 -19.63 21.72
C ALA B 30 16.90 -18.18 21.53
N PHE B 31 16.03 -17.91 20.55
CA PHE B 31 15.59 -16.54 20.32
C PHE B 31 14.76 -16.00 21.47
N ILE B 32 14.31 -16.86 22.38
CA ILE B 32 13.51 -16.39 23.52
C ILE B 32 14.34 -15.46 24.40
N TYR B 33 15.58 -15.87 24.68
CA TYR B 33 16.46 -15.04 25.50
C TYR B 33 16.76 -13.71 24.82
N HIS B 34 17.00 -13.76 23.51
CA HIS B 34 17.25 -12.52 22.75
C HIS B 34 16.03 -11.61 22.81
N ALA B 35 14.83 -12.19 22.70
CA ALA B 35 13.60 -11.41 22.78
C ALA B 35 13.47 -10.76 24.15
N TYR B 36 13.80 -11.49 25.21
CA TYR B 36 13.68 -10.93 26.55
C TYR B 36 14.65 -9.77 26.76
N VAL B 37 15.91 -9.94 26.31
CA VAL B 37 16.88 -8.86 26.48
C VAL B 37 16.48 -7.66 25.62
N PHE B 38 15.95 -7.91 24.42
CA PHE B 38 15.46 -6.83 23.59
C PHE B 38 14.32 -6.09 24.29
N LEU B 39 13.42 -6.83 24.92
CA LEU B 39 12.31 -6.21 25.63
C LEU B 39 12.82 -5.33 26.75
N LEU B 40 13.84 -5.79 27.47
CA LEU B 40 14.42 -4.97 28.53
C LEU B 40 14.99 -3.67 27.99
N VAL B 41 15.79 -3.76 26.92
CA VAL B 41 16.40 -2.55 26.38
C VAL B 41 15.33 -1.62 25.80
N PHE B 42 14.28 -2.20 25.22
CA PHE B 42 13.19 -1.39 24.67
C PHE B 42 12.45 -0.66 25.77
N SER B 43 12.24 -1.33 26.91
CA SER B 43 11.64 -0.67 28.06
C SER B 43 12.52 0.48 28.54
N CYS B 44 13.83 0.26 28.54
CA CYS B 44 14.75 1.34 28.91
C CYS B 44 14.59 2.54 27.97
N LEU B 45 14.50 2.27 26.67
CA LEU B 45 14.35 3.34 25.69
C LEU B 45 13.05 4.09 25.89
N VAL B 46 11.96 3.37 26.13
CA VAL B 46 10.66 4.01 26.31
C VAL B 46 10.66 4.86 27.57
N LEU B 47 11.30 4.36 28.64
CA LEU B 47 11.39 5.15 29.86
C LEU B 47 12.22 6.41 29.64
N SER B 48 13.29 6.32 28.87
CA SER B 48 14.04 7.53 28.54
C SER B 48 13.18 8.53 27.77
N VAL B 49 12.40 8.04 26.80
CA VAL B 49 11.54 8.93 26.03
C VAL B 49 10.53 9.61 26.94
N PHE B 50 9.97 8.87 27.89
CA PHE B 50 9.07 9.48 28.87
C PHE B 50 9.81 10.50 29.74
N SER B 51 11.05 10.22 30.11
CA SER B 51 11.84 11.17 30.88
C SER B 51 12.18 12.43 30.10
N THR B 52 12.08 12.39 28.77
CA THR B 52 12.28 13.62 28.00
C THR B 52 11.24 14.68 28.33
N ILE B 53 10.13 14.31 28.94
CA ILE B 53 9.05 15.24 29.29
C ILE B 53 9.24 15.70 30.73
N LYS B 54 8.67 16.87 31.04
CA LYS B 54 8.80 17.43 32.38
C LYS B 54 7.74 16.93 33.34
N GLU B 55 6.52 16.69 32.87
CA GLU B 55 5.45 16.25 33.76
C GLU B 55 5.76 14.89 34.38
N TYR B 56 6.27 13.95 33.57
CA TYR B 56 6.50 12.59 34.01
C TYR B 56 7.97 12.29 34.27
N GLU B 57 8.79 13.32 34.52
CA GLU B 57 10.22 13.08 34.71
C GLU B 57 10.48 12.27 35.97
N LYS B 58 9.71 12.52 37.04
CA LYS B 58 9.98 11.88 38.32
C LYS B 58 9.96 10.36 38.21
N SER B 59 8.79 9.79 37.89
CA SER B 59 8.65 8.34 37.86
C SER B 59 9.53 7.72 36.79
N SER B 60 9.62 8.36 35.63
CA SER B 60 10.44 7.82 34.56
C SER B 60 11.89 7.68 35.00
N GLU B 61 12.45 8.72 35.63
CA GLU B 61 13.82 8.64 36.11
C GLU B 61 13.96 7.60 37.21
N GLY B 62 12.99 7.56 38.13
CA GLY B 62 13.06 6.59 39.21
C GLY B 62 13.15 5.17 38.72
N ALA B 63 12.38 4.83 37.68
CA ALA B 63 12.46 3.49 37.11
C ALA B 63 13.71 3.32 36.26
N LEU B 64 14.09 4.37 35.52
CA LEU B 64 15.16 4.25 34.54
C LEU B 64 16.50 4.01 35.22
N TYR B 65 16.72 4.59 36.40
CA TYR B 65 18.00 4.38 37.08
C TYR B 65 18.23 2.89 37.35
N ILE B 66 17.27 2.24 37.99
CA ILE B 66 17.43 0.82 38.33
C ILE B 66 17.42 -0.03 37.07
N LEU B 67 16.60 0.31 36.09
CA LEU B 67 16.58 -0.48 34.87
C LEU B 67 17.91 -0.41 34.13
N GLU B 68 18.53 0.78 34.11
CA GLU B 68 19.84 0.92 33.48
C GLU B 68 20.90 0.12 34.23
N ILE B 69 20.84 0.13 35.58
CA ILE B 69 21.78 -0.70 36.33
C ILE B 69 21.59 -2.17 35.97
N VAL B 70 20.34 -2.61 35.90
N VAL B 70 20.34 -2.61 35.90
CA VAL B 70 20.06 -4.03 35.61
CA VAL B 70 20.06 -4.03 35.61
C VAL B 70 20.58 -4.41 34.23
C VAL B 70 20.58 -4.40 34.24
N THR B 71 20.33 -3.54 33.24
CA THR B 71 20.78 -3.86 31.88
C THR B 71 22.29 -3.85 31.78
N ILE B 72 22.97 -2.97 32.51
CA ILE B 72 24.43 -3.01 32.53
C ILE B 72 24.92 -4.33 33.10
N VAL B 73 24.33 -4.77 34.21
CA VAL B 73 24.72 -6.04 34.80
C VAL B 73 24.52 -7.18 33.80
N VAL B 74 23.35 -7.19 33.15
CA VAL B 74 23.04 -8.27 32.22
C VAL B 74 24.02 -8.28 31.06
N PHE B 75 24.31 -7.10 30.50
CA PHE B 75 25.21 -7.04 29.35
C PHE B 75 26.62 -7.48 29.74
N GLY B 76 27.09 -7.07 30.91
CA GLY B 76 28.41 -7.52 31.35
C GLY B 76 28.48 -9.02 31.50
N VAL B 77 27.47 -9.60 32.15
CA VAL B 77 27.45 -11.05 32.33
C VAL B 77 27.42 -11.74 30.98
N GLU B 78 26.59 -11.25 30.05
CA GLU B 78 26.51 -11.86 28.73
C GLU B 78 27.84 -11.79 28.01
N TYR B 79 28.52 -10.65 28.07
CA TYR B 79 29.80 -10.52 27.40
C TYR B 79 30.82 -11.50 27.96
N PHE B 80 30.89 -11.61 29.29
CA PHE B 80 31.87 -12.52 29.88
C PHE B 80 31.56 -13.97 29.54
N VAL B 81 30.29 -14.37 29.61
CA VAL B 81 29.95 -15.76 29.29
C VAL B 81 30.21 -16.05 27.82
N ARG B 82 29.95 -15.07 26.95
CA ARG B 82 30.27 -15.25 25.53
C ARG B 82 31.76 -15.45 25.34
N ILE B 83 32.58 -14.64 26.01
CA ILE B 83 34.03 -14.79 25.89
C ILE B 83 34.45 -16.18 26.36
N TRP B 84 33.88 -16.66 27.47
CA TRP B 84 34.25 -17.98 27.97
C TRP B 84 33.83 -19.08 26.99
N ALA B 85 32.58 -19.01 26.50
CA ALA B 85 32.06 -20.04 25.60
C ALA B 85 32.67 -19.97 24.21
N ALA B 86 33.40 -18.90 23.89
CA ALA B 86 34.05 -18.81 22.59
C ALA B 86 35.02 -19.97 22.34
N GLY B 87 35.49 -20.62 23.41
CA GLY B 87 36.36 -21.77 23.24
C GLY B 87 35.72 -22.97 22.57
N CYS B 88 34.39 -22.94 22.42
CA CYS B 88 33.71 -24.05 21.75
C CYS B 88 34.21 -24.21 20.32
N CYS B 89 34.31 -23.11 19.58
CA CYS B 89 34.74 -23.18 18.19
C CYS B 89 36.17 -23.70 18.11
N CYS B 90 36.44 -24.51 17.08
CA CYS B 90 37.77 -25.10 16.94
C CYS B 90 38.84 -24.06 16.67
N ARG B 91 38.47 -22.87 16.19
CA ARG B 91 39.46 -21.85 15.88
C ARG B 91 39.98 -21.19 17.15
N TYR B 92 39.09 -20.56 17.92
CA TYR B 92 39.47 -19.86 19.13
C TYR B 92 39.61 -20.89 20.26
N ARG B 93 40.85 -21.21 20.63
CA ARG B 93 41.12 -22.17 21.68
C ARG B 93 42.19 -21.62 22.61
N GLY B 94 42.01 -21.87 23.91
CA GLY B 94 43.02 -21.51 24.88
C GLY B 94 43.09 -20.01 25.14
N TRP B 95 44.12 -19.65 25.92
CA TRP B 95 44.30 -18.25 26.30
C TRP B 95 44.53 -17.39 25.06
N ARG B 96 45.42 -17.82 24.17
CA ARG B 96 45.69 -17.05 22.97
C ARG B 96 44.45 -16.96 22.08
N GLY B 97 43.73 -18.07 21.94
CA GLY B 97 42.53 -18.05 21.11
C GLY B 97 41.49 -17.07 21.62
N ARG B 98 41.23 -17.11 22.93
CA ARG B 98 40.24 -16.20 23.49
C ARG B 98 40.73 -14.75 23.45
N LEU B 99 42.04 -14.53 23.63
CA LEU B 99 42.56 -13.18 23.52
C LEU B 99 42.39 -12.62 22.11
N LYS B 100 42.66 -13.44 21.09
CA LYS B 100 42.51 -12.99 19.72
C LYS B 100 41.05 -12.93 19.29
N PHE B 101 40.16 -13.61 20.00
CA PHE B 101 38.74 -13.51 19.67
C PHE B 101 38.23 -12.08 19.82
N ALA B 102 38.69 -11.37 20.85
CA ALA B 102 38.15 -10.05 21.16
C ALA B 102 38.41 -9.03 20.06
N ARG B 103 39.33 -9.30 19.14
CA ARG B 103 39.67 -8.33 18.11
C ARG B 103 38.56 -8.10 17.10
N LYS B 104 37.52 -8.92 17.10
CA LYS B 104 36.44 -8.74 16.15
C LYS B 104 35.70 -7.43 16.42
N PRO B 105 35.14 -6.80 15.38
CA PRO B 105 34.53 -5.48 15.59
C PRO B 105 33.40 -5.48 16.61
N PHE B 106 32.59 -6.53 16.63
CA PHE B 106 31.40 -6.49 17.49
C PHE B 106 31.76 -6.72 18.96
N CYS B 107 32.75 -7.56 19.24
CA CYS B 107 33.14 -7.77 20.63
C CYS B 107 33.75 -6.50 21.23
N VAL B 108 34.61 -5.83 20.47
CA VAL B 108 35.17 -4.57 20.94
C VAL B 108 34.10 -3.52 21.06
N ILE B 109 33.12 -3.53 20.14
CA ILE B 109 32.00 -2.60 20.23
C ILE B 109 31.25 -2.84 21.54
N ASP B 110 30.98 -4.11 21.87
CA ASP B 110 30.27 -4.43 23.09
C ASP B 110 31.04 -3.98 24.32
N ILE B 111 32.34 -4.27 24.39
CA ILE B 111 33.09 -3.95 25.60
C ILE B 111 33.20 -2.45 25.77
N MET B 112 33.54 -1.72 24.70
CA MET B 112 33.58 -0.28 24.78
C MET B 112 32.21 0.30 25.13
N VAL B 113 31.14 -0.33 24.65
CA VAL B 113 29.80 0.19 24.88
C VAL B 113 29.44 0.07 26.36
N LEU B 114 29.67 -1.11 26.94
CA LEU B 114 29.34 -1.25 28.35
C LEU B 114 30.25 -0.39 29.21
N ILE B 115 31.52 -0.20 28.81
CA ILE B 115 32.39 0.73 29.53
C ILE B 115 31.82 2.14 29.49
N ALA B 116 31.43 2.60 28.31
CA ALA B 116 30.91 3.96 28.17
C ALA B 116 29.63 4.14 28.98
N SER B 117 28.73 3.15 28.93
CA SER B 117 27.46 3.29 29.65
C SER B 117 27.68 3.26 31.15
N ILE B 118 28.61 2.42 31.63
CA ILE B 118 28.88 2.39 33.06
C ILE B 118 29.52 3.70 33.51
N ALA B 119 30.37 4.29 32.66
CA ALA B 119 30.93 5.60 32.98
C ALA B 119 29.84 6.66 33.02
N VAL B 120 28.92 6.63 32.06
CA VAL B 120 27.86 7.63 32.01
C VAL B 120 26.99 7.55 33.26
N LEU B 121 26.55 6.33 33.61
CA LEU B 121 25.73 6.18 34.80
C LEU B 121 26.52 6.43 36.08
N ALA B 122 27.84 6.29 36.05
CA ALA B 122 28.68 6.52 37.21
C ALA B 122 29.69 7.64 36.95
N SER B 133 22.30 16.17 32.24
CA SER B 133 22.48 16.73 30.91
C SER B 133 23.18 15.75 29.98
N ALA B 134 23.45 14.54 30.47
CA ALA B 134 24.13 13.51 29.70
C ALA B 134 23.15 12.55 29.02
N LEU B 135 21.84 12.81 29.11
CA LEU B 135 20.87 11.90 28.54
C LEU B 135 21.00 11.78 27.02
N ARG B 136 21.58 12.78 26.36
CA ARG B 136 21.83 12.65 24.93
C ARG B 136 22.77 11.49 24.64
N SER B 137 23.84 11.36 25.43
CA SER B 137 24.74 10.22 25.28
C SER B 137 24.00 8.91 25.55
N LEU B 138 23.09 8.92 26.52
CA LEU B 138 22.30 7.72 26.78
C LEU B 138 21.44 7.35 25.58
N ARG B 139 20.80 8.33 24.94
CA ARG B 139 20.02 8.05 23.75
C ARG B 139 20.90 7.48 22.64
N PHE B 140 22.08 8.09 22.42
CA PHE B 140 22.97 7.62 21.38
C PHE B 140 23.39 6.17 21.64
N LEU B 141 23.79 5.88 22.87
CA LEU B 141 24.23 4.53 23.20
C LEU B 141 23.09 3.53 23.12
N GLN B 142 21.86 3.95 23.45
CA GLN B 142 20.72 3.04 23.37
C GLN B 142 20.41 2.67 21.93
N ILE B 143 20.34 3.67 21.04
CA ILE B 143 20.11 3.36 19.63
C ILE B 143 21.27 2.53 19.09
N LEU B 144 22.48 2.78 19.58
CA LEU B 144 23.61 1.96 19.15
C LEU B 144 23.44 0.50 19.60
N ARG B 145 22.95 0.29 20.82
CA ARG B 145 22.68 -1.09 21.25
C ARG B 145 21.64 -1.73 20.35
N MET B 146 20.61 -0.98 19.98
CA MET B 146 19.62 -1.52 19.04
C MET B 146 20.27 -1.89 17.72
N ILE B 147 21.21 -1.07 17.24
CA ILE B 147 21.97 -1.41 16.05
C ILE B 147 22.73 -2.71 16.27
N ARG B 148 23.28 -2.90 17.47
CA ARG B 148 24.07 -4.08 17.77
C ARG B 148 23.24 -5.36 17.80
N MET B 149 21.90 -5.25 17.77
CA MET B 149 21.06 -6.42 17.93
C MET B 149 21.34 -7.45 16.84
N ASP B 150 21.77 -7.00 15.66
CA ASP B 150 22.02 -7.93 14.56
C ASP B 150 23.27 -8.76 14.82
N ARG B 151 24.42 -8.09 15.00
CA ARG B 151 25.67 -8.75 15.34
C ARG B 151 26.29 -9.48 14.16
N ARG B 152 25.59 -9.56 13.03
CA ARG B 152 26.14 -10.22 11.86
C ARG B 152 25.81 -9.53 10.54
N GLY B 153 25.01 -8.47 10.54
CA GLY B 153 24.67 -7.80 9.31
C GLY B 153 23.86 -8.64 8.35
N GLY B 154 23.19 -9.69 8.84
CA GLY B 154 22.40 -10.52 7.96
C GLY B 154 21.25 -9.77 7.32
N THR B 155 20.60 -8.90 8.09
CA THR B 155 19.51 -8.09 7.54
C THR B 155 20.01 -7.26 6.37
N TRP B 156 21.14 -6.58 6.54
CA TRP B 156 21.67 -5.73 5.47
C TRP B 156 22.05 -6.56 4.25
N LYS B 157 22.66 -7.72 4.45
CA LYS B 157 23.04 -8.56 3.31
C LYS B 157 21.82 -9.04 2.54
N LEU B 158 20.79 -9.49 3.26
CA LEU B 158 19.57 -9.95 2.59
C LEU B 158 18.92 -8.81 1.81
N LEU B 159 18.81 -7.63 2.43
CA LEU B 159 18.23 -6.49 1.75
C LEU B 159 19.04 -6.13 0.50
N GLY B 160 20.36 -6.11 0.62
CA GLY B 160 21.18 -5.78 -0.53
C GLY B 160 21.03 -6.79 -1.65
N SER B 161 20.98 -8.07 -1.31
CA SER B 161 20.80 -9.09 -2.34
C SER B 161 19.49 -8.91 -3.08
N VAL B 162 18.39 -8.72 -2.34
CA VAL B 162 17.09 -8.59 -3.00
C VAL B 162 17.04 -7.30 -3.81
N VAL B 163 17.65 -6.23 -3.32
CA VAL B 163 17.66 -4.97 -4.06
C VAL B 163 18.45 -5.11 -5.35
N TYR B 164 19.61 -5.76 -5.29
CA TYR B 164 20.43 -5.93 -6.48
C TYR B 164 19.71 -6.80 -7.50
N ALA B 165 19.01 -7.84 -7.04
CA ALA B 165 18.31 -8.72 -7.97
C ALA B 165 17.26 -7.95 -8.77
N HIS B 166 16.55 -7.03 -8.12
CA HIS B 166 15.48 -6.28 -8.76
C HIS B 166 15.88 -4.85 -9.09
N SER B 167 17.16 -4.63 -9.42
CA SER B 167 17.65 -3.27 -9.61
C SER B 167 16.97 -2.57 -10.78
N LYS B 168 16.73 -3.30 -11.88
CA LYS B 168 16.20 -2.67 -13.08
C LYS B 168 14.81 -2.09 -12.85
N GLU B 169 13.94 -2.85 -12.19
CA GLU B 169 12.57 -2.37 -11.96
C GLU B 169 12.54 -1.28 -10.90
N LEU B 170 13.38 -1.39 -9.87
CA LEU B 170 13.48 -0.29 -8.92
C LEU B 170 13.88 0.99 -9.63
N VAL B 171 14.84 0.90 -10.55
CA VAL B 171 15.30 2.09 -11.27
C VAL B 171 14.20 2.65 -12.14
N THR B 172 13.48 1.79 -12.87
CA THR B 172 12.42 2.30 -13.74
C THR B 172 11.31 2.94 -12.92
N ALA B 173 10.93 2.33 -11.80
CA ALA B 173 9.91 2.91 -10.94
C ALA B 173 10.35 4.24 -10.38
N TRP B 174 11.59 4.34 -9.91
CA TRP B 174 12.08 5.60 -9.38
C TRP B 174 12.10 6.68 -10.45
N TYR B 175 12.57 6.34 -11.65
CA TYR B 175 12.62 7.31 -12.74
C TYR B 175 11.24 7.85 -13.05
N ILE B 176 10.27 6.95 -13.27
CA ILE B 176 8.95 7.40 -13.67
C ILE B 176 8.26 8.16 -12.55
N GLY B 177 8.44 7.70 -11.30
CA GLY B 177 7.85 8.42 -10.18
C GLY B 177 8.40 9.83 -10.03
N PHE B 178 9.72 9.97 -10.17
CA PHE B 178 10.32 11.30 -10.09
C PHE B 178 9.81 12.20 -11.20
N LEU B 179 9.73 11.68 -12.43
CA LEU B 179 9.23 12.48 -13.53
C LEU B 179 7.79 12.92 -13.27
N CYS B 180 6.95 12.00 -12.78
CA CYS B 180 5.56 12.34 -12.50
C CYS B 180 5.48 13.40 -11.40
N LEU B 181 6.29 13.25 -10.36
CA LEU B 181 6.29 14.25 -9.29
C LEU B 181 6.64 15.62 -9.83
N ILE B 182 7.71 15.71 -10.61
CA ILE B 182 8.14 17.02 -11.13
C ILE B 182 7.05 17.62 -12.01
N LEU B 183 6.49 16.82 -12.92
CA LEU B 183 5.48 17.34 -13.83
C LEU B 183 4.25 17.82 -13.08
N ALA B 184 3.75 16.99 -12.15
CA ALA B 184 2.54 17.37 -11.42
C ALA B 184 2.78 18.62 -10.58
N SER B 185 3.91 18.68 -9.88
CA SER B 185 4.19 19.86 -9.06
C SER B 185 4.26 21.12 -9.90
N PHE B 186 4.97 21.06 -11.04
CA PHE B 186 5.08 22.24 -11.88
C PHE B 186 3.74 22.66 -12.44
N LEU B 187 2.93 21.71 -12.90
CA LEU B 187 1.63 22.07 -13.47
C LEU B 187 0.72 22.68 -12.42
N VAL B 188 0.69 22.10 -11.21
CA VAL B 188 -0.16 22.65 -10.16
C VAL B 188 0.33 24.03 -9.74
N TYR B 189 1.65 24.21 -9.65
CA TYR B 189 2.19 25.52 -9.31
C TYR B 189 1.79 26.57 -10.34
N LEU B 190 1.86 26.22 -11.62
CA LEU B 190 1.40 27.14 -12.65
C LEU B 190 -0.08 27.43 -12.50
N ALA B 191 -0.88 26.41 -12.21
CA ALA B 191 -2.32 26.60 -12.16
C ALA B 191 -2.80 27.33 -10.91
N GLU B 192 -1.96 27.43 -9.89
CA GLU B 192 -2.37 28.03 -8.62
C GLU B 192 -1.29 28.96 -8.08
N LYS B 193 -0.74 29.81 -8.95
CA LYS B 193 0.30 30.73 -8.51
C LYS B 193 -0.28 31.84 -7.65
N GLY B 194 -1.41 32.41 -8.06
CA GLY B 194 -1.94 33.59 -7.38
C GLY B 194 -3.26 33.39 -6.69
N GLU B 195 -4.02 32.36 -7.10
CA GLU B 195 -5.35 32.14 -6.54
C GLU B 195 -5.32 31.34 -5.24
N ASN B 196 -4.17 30.79 -4.85
CA ASN B 196 -4.06 30.02 -3.62
C ASN B 196 -2.74 30.39 -2.95
N ASP B 197 -2.82 30.85 -1.71
CA ASP B 197 -1.62 31.27 -0.98
C ASP B 197 -0.76 30.08 -0.56
N HIS B 198 -1.28 28.86 -0.60
CA HIS B 198 -0.45 27.70 -0.27
C HIS B 198 0.71 27.56 -1.24
N PHE B 199 0.45 27.73 -2.54
CA PHE B 199 1.47 27.56 -3.58
C PHE B 199 1.97 28.95 -4.00
N ASP B 200 2.89 29.49 -3.21
CA ASP B 200 3.49 30.78 -3.52
C ASP B 200 4.89 30.67 -4.10
N THR B 201 5.58 29.55 -3.87
CA THR B 201 6.88 29.29 -4.47
C THR B 201 6.91 27.86 -4.98
N TYR B 202 7.79 27.61 -5.95
CA TYR B 202 7.90 26.26 -6.51
C TYR B 202 8.32 25.26 -5.44
N ALA B 203 9.06 25.69 -4.41
CA ALA B 203 9.40 24.80 -3.32
C ALA B 203 8.15 24.30 -2.60
N ASP B 204 7.17 25.19 -2.40
CA ASP B 204 5.92 24.77 -1.77
C ASP B 204 5.18 23.75 -2.63
N ALA B 205 5.16 23.96 -3.94
CA ALA B 205 4.51 23.00 -4.82
C ALA B 205 5.21 21.65 -4.78
N LEU B 206 6.55 21.66 -4.75
CA LEU B 206 7.28 20.40 -4.66
C LEU B 206 6.98 19.69 -3.34
N TRP B 207 6.91 20.44 -2.24
CA TRP B 207 6.56 19.85 -0.95
C TRP B 207 5.17 19.23 -1.00
N TRP B 208 4.21 19.95 -1.60
CA TRP B 208 2.86 19.41 -1.73
C TRP B 208 2.86 18.13 -2.54
N GLY B 209 3.59 18.12 -3.67
CA GLY B 209 3.63 16.93 -4.49
C GLY B 209 4.24 15.75 -3.77
N LEU B 210 5.32 15.98 -3.04
CA LEU B 210 5.94 14.90 -2.28
C LEU B 210 4.99 14.36 -1.22
N ILE B 211 4.26 15.25 -0.54
CA ILE B 211 3.36 14.79 0.51
C ILE B 211 2.10 14.13 -0.05
N THR B 212 1.72 14.42 -1.29
CA THR B 212 0.52 13.80 -1.85
C THR B 212 0.82 12.51 -2.59
N LEU B 213 1.93 12.42 -3.31
CA LEU B 213 2.21 11.19 -4.05
C LEU B 213 2.65 10.06 -3.13
N THR B 214 3.10 10.36 -1.92
CA THR B 214 3.32 9.34 -0.91
C THR B 214 2.05 8.96 -0.17
N THR B 215 0.96 9.70 -0.39
CA THR B 215 -0.32 9.51 0.29
C THR B 215 -0.27 9.84 1.77
N ILE B 216 0.73 10.61 2.21
CA ILE B 216 0.77 11.07 3.60
C ILE B 216 -0.35 12.08 3.84
N GLY B 217 -0.49 13.06 2.95
CA GLY B 217 -1.59 14.00 3.00
C GLY B 217 -1.78 14.73 4.32
N TYR B 218 -0.83 15.62 4.65
CA TYR B 218 -0.97 16.40 5.87
C TYR B 218 -2.22 17.27 5.83
N GLY B 219 -2.49 17.90 4.70
CA GLY B 219 -3.56 18.87 4.59
C GLY B 219 -3.13 20.31 4.73
N ASP B 220 -1.86 20.57 5.02
CA ASP B 220 -1.38 21.94 5.11
C ASP B 220 -1.46 22.66 3.77
N LYS B 221 -1.34 21.92 2.67
CA LYS B 221 -1.45 22.46 1.33
C LYS B 221 -2.33 21.56 0.48
N TYR B 222 -3.17 22.15 -0.35
CA TYR B 222 -3.98 21.39 -1.29
C TYR B 222 -4.60 22.33 -2.32
N PRO B 223 -4.79 21.88 -3.56
CA PRO B 223 -5.34 22.77 -4.59
C PRO B 223 -6.77 23.18 -4.28
N GLN B 224 -7.13 24.38 -4.72
CA GLN B 224 -8.46 24.92 -4.45
C GLN B 224 -9.12 25.41 -5.74
N THR B 225 -8.34 25.87 -6.71
CA THR B 225 -8.89 26.26 -7.99
C THR B 225 -9.26 25.03 -8.80
N TRP B 226 -10.17 25.23 -9.77
CA TRP B 226 -10.61 24.10 -10.58
C TRP B 226 -9.47 23.53 -11.41
N ASN B 227 -8.54 24.38 -11.87
CA ASN B 227 -7.39 23.89 -12.62
C ASN B 227 -6.57 22.91 -11.79
N GLY B 228 -6.24 23.30 -10.56
CA GLY B 228 -5.40 22.45 -9.73
C GLY B 228 -6.06 21.11 -9.44
N ARG B 229 -7.34 21.15 -9.09
CA ARG B 229 -8.04 19.90 -8.79
C ARG B 229 -8.15 19.02 -10.03
N LEU B 230 -8.42 19.63 -11.19
CA LEU B 230 -8.52 18.85 -12.42
C LEU B 230 -7.19 18.19 -12.76
N LEU B 231 -6.08 18.92 -12.63
CA LEU B 231 -4.79 18.33 -12.96
C LEU B 231 -4.39 17.27 -11.94
N ALA B 232 -4.68 17.50 -10.66
CA ALA B 232 -4.39 16.49 -9.65
C ALA B 232 -5.17 15.20 -9.93
N ALA B 233 -6.45 15.32 -10.27
CA ALA B 233 -7.28 14.14 -10.47
C ALA B 233 -6.65 13.11 -11.40
N THR B 234 -5.67 13.52 -12.21
CA THR B 234 -4.94 12.61 -13.08
C THR B 234 -3.52 12.34 -12.58
N PHE B 235 -2.77 13.40 -12.28
CA PHE B 235 -1.36 13.21 -11.98
C PHE B 235 -1.17 12.50 -10.64
N THR B 236 -2.02 12.80 -9.65
CA THR B 236 -1.90 12.05 -8.39
C THR B 236 -2.32 10.61 -8.56
N LEU B 237 -3.31 10.33 -9.42
CA LEU B 237 -3.69 8.95 -9.66
C LEU B 237 -2.52 8.15 -10.22
N ILE B 238 -1.76 8.75 -11.14
CA ILE B 238 -0.59 8.05 -11.67
C ILE B 238 0.51 7.95 -10.61
N GLY B 239 0.79 9.07 -9.93
CA GLY B 239 1.94 9.13 -9.05
C GLY B 239 1.81 8.25 -7.82
N VAL B 240 0.60 8.12 -7.29
CA VAL B 240 0.41 7.31 -6.09
C VAL B 240 0.81 5.86 -6.38
N SER B 241 0.36 5.33 -7.52
CA SER B 241 0.73 3.98 -7.90
C SER B 241 2.23 3.87 -8.14
N PHE B 242 2.81 4.83 -8.87
CA PHE B 242 4.23 4.72 -9.16
C PHE B 242 5.11 4.98 -7.94
N PHE B 243 4.55 5.51 -6.86
CA PHE B 243 5.27 5.66 -5.60
C PHE B 243 5.07 4.46 -4.67
N ALA B 244 3.94 3.78 -4.80
CA ALA B 244 3.73 2.54 -4.05
C ALA B 244 4.44 1.35 -4.69
N LEU B 245 4.81 1.46 -5.97
CA LEU B 245 5.44 0.33 -6.66
C LEU B 245 6.64 -0.26 -5.94
N PRO B 246 7.63 0.53 -5.49
CA PRO B 246 8.86 -0.10 -4.94
C PRO B 246 8.61 -1.05 -3.79
N ALA B 247 7.70 -0.70 -2.88
CA ALA B 247 7.44 -1.58 -1.74
C ALA B 247 6.83 -2.90 -2.21
N GLY B 248 5.90 -2.84 -3.16
CA GLY B 248 5.34 -4.07 -3.70
C GLY B 248 6.38 -4.93 -4.39
N ILE B 249 7.25 -4.29 -5.18
CA ILE B 249 8.31 -5.04 -5.86
C ILE B 249 9.19 -5.76 -4.84
N LEU B 250 9.61 -5.04 -3.79
CA LEU B 250 10.50 -5.65 -2.81
C LEU B 250 9.80 -6.74 -2.01
N GLY B 251 8.53 -6.54 -1.67
CA GLY B 251 7.81 -7.58 -0.96
C GLY B 251 7.65 -8.85 -1.77
N SER B 252 7.29 -8.70 -3.04
CA SER B 252 7.19 -9.86 -3.91
C SER B 252 8.54 -10.54 -4.08
N GLY B 253 9.61 -9.74 -4.18
CA GLY B 253 10.94 -10.32 -4.26
C GLY B 253 11.26 -11.16 -3.03
N PHE B 254 10.97 -10.65 -1.84
CA PHE B 254 11.22 -11.41 -0.63
C PHE B 254 10.41 -12.70 -0.61
N ALA B 255 9.13 -12.62 -0.97
CA ALA B 255 8.28 -13.82 -0.95
C ALA B 255 8.77 -14.87 -1.95
N LEU B 256 9.12 -14.44 -3.16
CA LEU B 256 9.62 -15.39 -4.15
C LEU B 256 10.95 -15.99 -3.72
N LYS B 257 11.81 -15.20 -3.10
CA LYS B 257 13.07 -15.73 -2.58
C LYS B 257 12.81 -16.80 -1.53
N VAL B 258 11.85 -16.56 -0.64
CA VAL B 258 11.51 -17.59 0.35
C VAL B 258 11.00 -18.84 -0.34
N GLN B 259 10.13 -18.69 -1.33
CA GLN B 259 9.59 -19.87 -2.01
C GLN B 259 10.71 -20.68 -2.64
N GLU B 260 11.60 -20.03 -3.38
CA GLU B 260 12.68 -20.75 -4.05
C GLU B 260 13.62 -21.39 -3.04
N GLN B 261 13.95 -20.67 -1.97
CA GLN B 261 14.84 -21.24 -0.96
C GLN B 261 14.21 -22.47 -0.30
N HIS B 262 12.91 -22.39 0.00
CA HIS B 262 12.24 -23.51 0.65
C HIS B 262 12.21 -24.72 -0.26
N ARG B 263 11.86 -24.52 -1.54
CA ARG B 263 11.82 -25.65 -2.46
C ARG B 263 13.22 -26.24 -2.64
N GLN B 264 14.24 -25.39 -2.75
CA GLN B 264 15.60 -25.89 -2.93
C GLN B 264 16.06 -26.69 -1.72
N LYS B 265 15.77 -26.20 -0.51
CA LYS B 265 16.17 -26.92 0.68
C LYS B 265 15.39 -28.23 0.83
N HIS B 266 14.12 -28.24 0.42
CA HIS B 266 13.37 -29.49 0.45
C HIS B 266 13.92 -30.49 -0.55
N PHE B 267 14.45 -30.01 -1.69
CA PHE B 267 15.12 -30.91 -2.62
C PHE B 267 16.32 -31.57 -1.96
N GLU B 268 17.11 -30.80 -1.21
CA GLU B 268 18.25 -31.33 -0.49
C GLU B 268 18.38 -30.67 0.88
N ARG C 8 -37.84 -45.98 10.37
CA ARG C 8 -37.59 -44.54 10.32
C ARG C 8 -36.23 -44.21 10.93
N ASN C 9 -35.17 -44.78 10.36
CA ASN C 9 -33.81 -44.53 10.82
C ASN C 9 -32.85 -44.16 9.70
N ALA C 10 -33.18 -44.44 8.43
CA ALA C 10 -32.36 -43.96 7.33
C ALA C 10 -32.44 -42.44 7.21
N PHE C 11 -33.67 -41.91 7.22
CA PHE C 11 -33.85 -40.46 7.19
C PHE C 11 -33.25 -39.81 8.43
N TYR C 12 -33.41 -40.45 9.59
CA TYR C 12 -32.84 -39.93 10.83
C TYR C 12 -31.33 -39.73 10.68
N ARG C 13 -30.62 -40.77 10.24
CA ARG C 13 -29.18 -40.67 10.12
C ARG C 13 -28.77 -39.71 9.00
N LYS C 14 -29.53 -39.70 7.90
CA LYS C 14 -29.24 -38.77 6.81
C LYS C 14 -29.30 -37.33 7.32
N LEU C 15 -30.40 -36.98 7.99
CA LEU C 15 -30.55 -35.62 8.50
C LEU C 15 -29.48 -35.30 9.54
N GLN C 16 -29.19 -36.23 10.44
CA GLN C 16 -28.17 -35.96 11.46
C GLN C 16 -26.82 -35.71 10.82
N ASN C 17 -26.44 -36.55 9.86
CA ASN C 17 -25.17 -36.37 9.15
C ASN C 17 -25.11 -35.00 8.48
N PHE C 18 -26.14 -34.68 7.69
CA PHE C 18 -26.12 -33.43 6.94
C PHE C 18 -26.08 -32.22 7.87
N LEU C 19 -26.88 -32.26 8.94
CA LEU C 19 -26.94 -31.14 9.86
C LEU C 19 -25.62 -30.97 10.61
N TYR C 20 -25.00 -32.06 11.06
CA TYR C 20 -23.71 -31.94 11.72
C TYR C 20 -22.66 -31.40 10.76
N ASN C 21 -22.68 -31.87 9.50
CA ASN C 21 -21.71 -31.38 8.53
C ASN C 21 -21.89 -29.89 8.28
N VAL C 22 -23.13 -29.43 8.14
CA VAL C 22 -23.39 -28.02 7.86
C VAL C 22 -23.02 -27.17 9.08
N LEU C 23 -23.45 -27.59 10.26
CA LEU C 23 -23.22 -26.80 11.46
C LEU C 23 -21.76 -26.87 11.90
N GLU C 24 -21.17 -28.06 11.86
CA GLU C 24 -19.74 -28.21 12.06
C GLU C 24 -19.03 -27.83 10.77
N ARG C 25 -17.75 -28.19 10.63
CA ARG C 25 -16.92 -27.66 9.55
C ARG C 25 -17.67 -27.68 8.23
N PRO C 26 -18.01 -26.51 7.67
CA PRO C 26 -18.64 -26.46 6.36
C PRO C 26 -17.61 -26.24 5.25
N ARG C 27 -18.07 -26.47 4.02
CA ARG C 27 -17.18 -26.37 2.87
C ARG C 27 -17.78 -25.54 1.73
N GLY C 28 -19.11 -25.49 1.65
CA GLY C 28 -19.77 -24.88 0.52
C GLY C 28 -20.93 -23.97 0.88
N TRP C 29 -22.10 -24.28 0.33
CA TRP C 29 -23.28 -23.45 0.58
C TRP C 29 -23.68 -23.43 2.04
N ALA C 30 -23.14 -24.33 2.85
CA ALA C 30 -23.41 -24.29 4.29
C ALA C 30 -23.00 -22.96 4.88
N PHE C 31 -22.06 -22.26 4.23
CA PHE C 31 -21.62 -20.96 4.73
C PHE C 31 -22.73 -19.92 4.65
N ILE C 32 -23.81 -20.20 3.91
CA ILE C 32 -24.90 -19.24 3.80
C ILE C 32 -25.54 -19.01 5.16
N TYR C 33 -25.79 -20.09 5.90
CA TYR C 33 -26.39 -19.98 7.22
C TYR C 33 -25.47 -19.22 8.17
N HIS C 34 -24.17 -19.53 8.10
CA HIS C 34 -23.20 -18.82 8.94
C HIS C 34 -23.19 -17.34 8.61
N ALA C 35 -23.27 -17.00 7.32
CA ALA C 35 -23.30 -15.60 6.90
C ALA C 35 -24.55 -14.91 7.44
N TYR C 36 -25.69 -15.59 7.41
CA TYR C 36 -26.92 -14.98 7.91
C TYR C 36 -26.85 -14.72 9.41
N VAL C 37 -26.34 -15.69 10.17
CA VAL C 37 -26.25 -15.50 11.62
C VAL C 37 -25.22 -14.41 11.93
N PHE C 38 -24.13 -14.36 11.16
CA PHE C 38 -23.16 -13.28 11.33
C PHE C 38 -23.81 -11.94 11.06
N LEU C 39 -24.64 -11.85 10.02
CA LEU C 39 -25.31 -10.60 9.70
C LEU C 39 -26.22 -10.17 10.85
N LEU C 40 -26.92 -11.13 11.44
CA LEU C 40 -27.78 -10.81 12.57
C LEU C 40 -26.98 -10.25 13.74
N VAL C 41 -25.88 -10.92 14.11
CA VAL C 41 -25.09 -10.45 15.24
C VAL C 41 -24.45 -9.10 14.93
N PHE C 42 -24.05 -8.90 13.66
CA PHE C 42 -23.46 -7.63 13.26
C PHE C 42 -24.47 -6.50 13.35
N SER C 43 -25.72 -6.78 12.97
CA SER C 43 -26.79 -5.79 13.13
C SER C 43 -26.99 -5.46 14.60
N CYS C 44 -26.93 -6.47 15.46
CA CYS C 44 -27.03 -6.23 16.90
C CYS C 44 -25.91 -5.31 17.38
N LEU C 45 -24.69 -5.56 16.92
CA LEU C 45 -23.56 -4.74 17.31
C LEU C 45 -23.73 -3.29 16.85
N VAL C 46 -24.16 -3.12 15.60
CA VAL C 46 -24.33 -1.76 15.07
C VAL C 46 -25.43 -1.03 15.82
N LEU C 47 -26.52 -1.73 16.16
CA LEU C 47 -27.57 -1.10 16.94
C LEU C 47 -27.08 -0.71 18.33
N SER C 48 -26.24 -1.54 18.95
CA SER C 48 -25.66 -1.14 20.22
C SER C 48 -24.81 0.11 20.08
N VAL C 49 -23.99 0.17 19.01
CA VAL C 49 -23.14 1.34 18.79
C VAL C 49 -24.00 2.58 18.63
N PHE C 50 -25.10 2.47 17.88
CA PHE C 50 -26.04 3.59 17.78
C PHE C 50 -26.65 3.94 19.12
N SER C 51 -26.94 2.94 19.96
CA SER C 51 -27.46 3.18 21.29
C SER C 51 -26.45 3.89 22.19
N THR C 52 -25.17 3.83 21.87
CA THR C 52 -24.19 4.57 22.66
C THR C 52 -24.40 6.07 22.60
N ILE C 53 -25.17 6.57 21.62
CA ILE C 53 -25.43 7.99 21.46
C ILE C 53 -26.74 8.33 22.15
N LYS C 54 -26.92 9.62 22.48
CA LYS C 54 -28.12 10.08 23.16
C LYS C 54 -29.23 10.48 22.18
N GLU C 55 -28.88 11.08 21.05
CA GLU C 55 -29.90 11.54 20.12
C GLU C 55 -30.72 10.38 19.57
N TYR C 56 -30.06 9.28 19.20
CA TYR C 56 -30.71 8.14 18.56
C TYR C 56 -30.91 6.98 19.52
N GLU C 57 -30.89 7.22 20.83
CA GLU C 57 -31.00 6.12 21.79
C GLU C 57 -32.34 5.41 21.67
N LYS C 58 -33.42 6.17 21.47
CA LYS C 58 -34.77 5.60 21.51
C LYS C 58 -34.92 4.45 20.52
N SER C 59 -34.83 4.77 19.22
CA SER C 59 -35.02 3.74 18.20
C SER C 59 -34.00 2.63 18.34
N SER C 60 -32.77 2.98 18.72
CA SER C 60 -31.72 1.97 18.87
C SER C 60 -32.14 0.91 19.88
N GLU C 61 -32.56 1.33 21.08
CA GLU C 61 -32.94 0.33 22.08
C GLU C 61 -34.21 -0.39 21.68
N GLY C 62 -35.14 0.34 21.04
CA GLY C 62 -36.38 -0.30 20.60
C GLY C 62 -36.12 -1.48 19.69
N ALA C 63 -35.20 -1.33 18.74
CA ALA C 63 -34.84 -2.45 17.87
C ALA C 63 -33.97 -3.46 18.60
N LEU C 64 -33.05 -2.98 19.44
CA LEU C 64 -32.04 -3.86 20.02
C LEU C 64 -32.65 -4.86 20.98
N TYR C 65 -33.68 -4.47 21.72
CA TYR C 65 -34.29 -5.41 22.66
C TYR C 65 -34.79 -6.67 21.93
N ILE C 66 -35.62 -6.47 20.90
CA ILE C 66 -36.17 -7.61 20.19
C ILE C 66 -35.09 -8.36 19.42
N LEU C 67 -34.12 -7.63 18.86
CA LEU C 67 -33.06 -8.33 18.12
C LEU C 67 -32.22 -9.20 19.06
N GLU C 68 -31.95 -8.71 20.27
CA GLU C 68 -31.22 -9.51 21.24
C GLU C 68 -32.01 -10.74 21.65
N ILE C 69 -33.33 -10.58 21.85
CA ILE C 69 -34.14 -11.75 22.16
C ILE C 69 -34.06 -12.77 21.03
N VAL C 70 -34.16 -12.30 19.78
N VAL C 70 -34.16 -12.30 19.78
CA VAL C 70 -34.14 -13.20 18.64
CA VAL C 70 -34.14 -13.20 18.64
C VAL C 70 -32.81 -13.93 18.55
C VAL C 70 -32.81 -13.93 18.55
N THR C 71 -31.70 -13.21 18.74
CA THR C 71 -30.40 -13.85 18.64
C THR C 71 -30.19 -14.84 19.78
N ILE C 72 -30.70 -14.56 20.98
CA ILE C 72 -30.61 -15.54 22.05
C ILE C 72 -31.37 -16.81 21.68
N VAL C 73 -32.58 -16.66 21.14
CA VAL C 73 -33.34 -17.83 20.73
C VAL C 73 -32.58 -18.63 19.69
N VAL C 74 -32.01 -17.94 18.69
CA VAL C 74 -31.32 -18.62 17.61
C VAL C 74 -30.11 -19.35 18.15
N PHE C 75 -29.32 -18.70 19.02
CA PHE C 75 -28.13 -19.35 19.55
C PHE C 75 -28.47 -20.56 20.40
N GLY C 76 -29.52 -20.47 21.22
CA GLY C 76 -29.92 -21.62 22.00
C GLY C 76 -30.33 -22.79 21.13
N VAL C 77 -31.14 -22.51 20.10
CA VAL C 77 -31.57 -23.58 19.20
C VAL C 77 -30.36 -24.20 18.50
N GLU C 78 -29.43 -23.35 18.04
CA GLU C 78 -28.25 -23.86 17.37
C GLU C 78 -27.42 -24.75 18.29
N TYR C 79 -27.24 -24.32 19.53
CA TYR C 79 -26.45 -25.11 20.47
C TYR C 79 -27.10 -26.47 20.71
N PHE C 80 -28.41 -26.49 20.92
CA PHE C 80 -29.08 -27.76 21.18
C PHE C 80 -29.02 -28.69 19.97
N VAL C 81 -29.24 -28.15 18.77
CA VAL C 81 -29.20 -29.01 17.59
C VAL C 81 -27.78 -29.51 17.34
N ARG C 82 -26.78 -28.68 17.63
CA ARG C 82 -25.40 -29.14 17.51
C ARG C 82 -25.14 -30.28 18.48
N ILE C 83 -25.59 -30.15 19.72
CA ILE C 83 -25.39 -31.22 20.69
C ILE C 83 -26.05 -32.50 20.21
N TRP C 84 -27.27 -32.40 19.67
CA TRP C 84 -27.95 -33.59 19.20
C TRP C 84 -27.22 -34.22 18.02
N ALA C 85 -26.83 -33.41 17.04
CA ALA C 85 -26.17 -33.92 15.84
C ALA C 85 -24.73 -34.37 16.10
N ALA C 86 -24.18 -34.06 17.28
CA ALA C 86 -22.84 -34.53 17.59
C ALA C 86 -22.73 -36.05 17.55
N GLY C 87 -23.84 -36.77 17.68
CA GLY C 87 -23.81 -38.21 17.58
C GLY C 87 -23.41 -38.75 16.23
N CYS C 88 -23.36 -37.88 15.21
CA CYS C 88 -22.94 -38.33 13.88
C CYS C 88 -21.53 -38.88 13.91
N CYS C 89 -20.61 -38.18 14.56
CA CYS C 89 -19.22 -38.63 14.61
C CYS C 89 -19.13 -39.96 15.34
N CYS C 90 -18.23 -40.83 14.86
CA CYS C 90 -18.10 -42.16 15.46
C CYS C 90 -17.58 -42.09 16.88
N ARG C 91 -16.92 -41.00 17.27
CA ARG C 91 -16.37 -40.90 18.62
C ARG C 91 -17.46 -40.62 19.64
N TYR C 92 -18.17 -39.51 19.50
CA TYR C 92 -19.23 -39.14 20.45
C TYR C 92 -20.49 -39.91 20.08
N ARG C 93 -20.82 -40.92 20.89
CA ARG C 93 -21.99 -41.74 20.66
C ARG C 93 -22.74 -41.94 21.96
N GLY C 94 -24.06 -41.91 21.89
CA GLY C 94 -24.88 -42.21 23.05
C GLY C 94 -24.87 -41.12 24.10
N TRP C 95 -25.49 -41.45 25.23
CA TRP C 95 -25.60 -40.49 26.32
C TRP C 95 -24.23 -40.09 26.83
N ARG C 96 -23.35 -41.06 27.07
CA ARG C 96 -22.02 -40.76 27.56
C ARG C 96 -21.23 -39.96 26.53
N GLY C 97 -21.33 -40.33 25.26
CA GLY C 97 -20.61 -39.60 24.23
C GLY C 97 -21.02 -38.15 24.15
N ARG C 98 -22.33 -37.90 24.15
CA ARG C 98 -22.81 -36.52 24.09
C ARG C 98 -22.48 -35.76 25.36
N LEU C 99 -22.51 -36.42 26.52
CA LEU C 99 -22.14 -35.75 27.76
C LEU C 99 -20.67 -35.34 27.73
N LYS C 100 -19.79 -36.21 27.25
CA LYS C 100 -18.37 -35.88 27.19
C LYS C 100 -18.05 -34.92 26.06
N PHE C 101 -18.93 -34.79 25.07
CA PHE C 101 -18.71 -33.82 24.00
C PHE C 101 -18.65 -32.40 24.55
N ALA C 102 -19.50 -32.09 25.53
CA ALA C 102 -19.61 -30.71 26.00
C ALA C 102 -18.33 -30.20 26.67
N ARG C 103 -17.41 -31.09 27.02
CA ARG C 103 -16.20 -30.66 27.73
C ARG C 103 -15.26 -29.84 26.86
N LYS C 104 -15.48 -29.78 25.55
CA LYS C 104 -14.59 -29.02 24.69
C LYS C 104 -14.68 -27.53 25.02
N PRO C 105 -13.61 -26.78 24.82
CA PRO C 105 -13.62 -25.37 25.23
C PRO C 105 -14.72 -24.55 24.56
N PHE C 106 -14.98 -24.79 23.28
CA PHE C 106 -15.91 -23.93 22.55
C PHE C 106 -17.36 -24.21 22.93
N CYS C 107 -17.71 -25.47 23.18
CA CYS C 107 -19.09 -25.77 23.59
C CYS C 107 -19.39 -25.16 24.96
N VAL C 108 -18.46 -25.28 25.90
CA VAL C 108 -18.68 -24.67 27.21
C VAL C 108 -18.68 -23.16 27.08
N ILE C 109 -17.84 -22.61 26.21
CA ILE C 109 -17.87 -21.17 25.96
C ILE C 109 -19.24 -20.74 25.48
N ASP C 110 -19.79 -21.49 24.52
CA ASP C 110 -21.11 -21.13 23.96
C ASP C 110 -22.20 -21.22 25.01
N ILE C 111 -22.23 -22.29 25.80
CA ILE C 111 -23.30 -22.45 26.78
C ILE C 111 -23.20 -21.37 27.85
N MET C 112 -22.00 -21.14 28.38
CA MET C 112 -21.83 -20.08 29.36
C MET C 112 -22.18 -18.73 28.76
N VAL C 113 -21.89 -18.54 27.47
CA VAL C 113 -22.14 -17.24 26.84
C VAL C 113 -23.63 -16.98 26.74
N LEU C 114 -24.39 -17.96 26.26
CA LEU C 114 -25.84 -17.74 26.17
C LEU C 114 -26.46 -17.61 27.55
N ILE C 115 -25.93 -18.34 28.55
CA ILE C 115 -26.41 -18.15 29.92
C ILE C 115 -26.17 -16.71 30.38
N ALA C 116 -24.95 -16.22 30.17
CA ALA C 116 -24.63 -14.87 30.63
C ALA C 116 -25.48 -13.83 29.93
N SER C 117 -25.67 -13.96 28.62
CA SER C 117 -26.44 -12.96 27.89
C SER C 117 -27.91 -13.02 28.27
N ILE C 118 -28.45 -14.22 28.49
CA ILE C 118 -29.85 -14.31 28.92
C ILE C 118 -30.01 -13.71 30.31
N ALA C 119 -29.02 -13.89 31.18
CA ALA C 119 -29.06 -13.25 32.49
C ALA C 119 -29.01 -11.72 32.35
N VAL C 120 -28.14 -11.23 31.47
CA VAL C 120 -28.00 -9.78 31.30
C VAL C 120 -29.31 -9.17 30.81
N LEU C 121 -29.90 -9.78 29.77
CA LEU C 121 -31.16 -9.25 29.25
C LEU C 121 -32.31 -9.48 30.22
N ALA C 122 -32.20 -10.45 31.12
CA ALA C 122 -33.25 -10.73 32.10
C ALA C 122 -32.71 -10.56 33.52
N SER C 133 -27.18 0.29 32.56
CA SER C 133 -25.76 0.49 32.82
C SER C 133 -24.95 -0.78 32.57
N ALA C 134 -25.63 -1.83 32.09
CA ALA C 134 -25.00 -3.11 31.82
C ALA C 134 -24.57 -3.25 30.36
N LEU C 135 -24.71 -2.20 29.55
CA LEU C 135 -24.39 -2.29 28.14
C LEU C 135 -22.90 -2.59 27.90
N ARG C 136 -22.03 -2.27 28.86
CA ARG C 136 -20.63 -2.65 28.74
C ARG C 136 -20.48 -4.17 28.65
N SER C 137 -21.20 -4.89 29.51
CA SER C 137 -21.18 -6.35 29.44
C SER C 137 -21.72 -6.84 28.11
N LEU C 138 -22.74 -6.15 27.58
CA LEU C 138 -23.27 -6.52 26.27
C LEU C 138 -22.21 -6.35 25.19
N ARG C 139 -21.46 -5.24 25.23
CA ARG C 139 -20.40 -5.04 24.25
C ARG C 139 -19.34 -6.12 24.37
N PHE C 140 -18.94 -6.44 25.60
CA PHE C 140 -17.93 -7.48 25.79
C PHE C 140 -18.40 -8.81 25.24
N LEU C 141 -19.64 -9.21 25.57
CA LEU C 141 -20.15 -10.49 25.10
C LEU C 141 -20.33 -10.48 23.59
N GLN C 142 -20.67 -9.35 22.99
CA GLN C 142 -20.84 -9.30 21.53
C GLN C 142 -19.51 -9.48 20.82
N ILE C 143 -18.48 -8.76 21.25
CA ILE C 143 -17.17 -8.96 20.63
C ILE C 143 -16.68 -10.38 20.89
N LEU C 144 -17.04 -10.95 22.04
CA LEU C 144 -16.67 -12.35 22.30
C LEU C 144 -17.38 -13.29 21.34
N ARG C 145 -18.66 -13.04 21.03
CA ARG C 145 -19.34 -13.85 20.03
C ARG C 145 -18.64 -13.74 18.69
N MET C 146 -18.23 -12.53 18.32
CA MET C 146 -17.48 -12.37 17.07
C MET C 146 -16.21 -13.20 17.11
N ILE C 147 -15.52 -13.23 18.26
CA ILE C 147 -14.35 -14.09 18.42
C ILE C 147 -14.74 -15.56 18.21
N ARG C 148 -15.91 -15.95 18.70
CA ARG C 148 -16.35 -17.33 18.61
C ARG C 148 -16.64 -17.75 17.19
N MET C 149 -16.70 -16.80 16.25
CA MET C 149 -17.12 -17.12 14.89
C MET C 149 -16.20 -18.15 14.25
N ASP C 150 -14.93 -18.18 14.65
CA ASP C 150 -13.99 -19.13 14.07
C ASP C 150 -14.29 -20.55 14.53
N ARG C 151 -14.26 -20.79 15.83
CA ARG C 151 -14.62 -22.07 16.43
C ARG C 151 -13.54 -23.13 16.23
N ARG C 152 -12.50 -22.81 15.46
CA ARG C 152 -11.42 -23.77 15.24
C ARG C 152 -10.04 -23.15 15.22
N GLY C 153 -9.91 -21.82 15.30
CA GLY C 153 -8.61 -21.20 15.25
C GLY C 153 -7.88 -21.38 13.93
N GLY C 154 -8.59 -21.70 12.86
CA GLY C 154 -7.93 -21.89 11.57
C GLY C 154 -7.25 -20.62 11.08
N THR C 155 -7.91 -19.47 11.26
CA THR C 155 -7.31 -18.20 10.87
C THR C 155 -5.98 -18.00 11.57
N TRP C 156 -5.95 -18.21 12.89
CA TRP C 156 -4.71 -18.00 13.64
C TRP C 156 -3.63 -18.97 13.19
N LYS C 157 -3.98 -20.23 12.95
CA LYS C 157 -2.98 -21.20 12.52
C LYS C 157 -2.40 -20.83 11.16
N LEU C 158 -3.26 -20.44 10.22
CA LEU C 158 -2.77 -20.05 8.90
C LEU C 158 -1.86 -18.82 8.99
N LEU C 159 -2.27 -17.81 9.76
CA LEU C 159 -1.44 -16.62 9.93
C LEU C 159 -0.10 -16.99 10.55
N GLY C 160 -0.11 -17.83 11.59
CA GLY C 160 1.13 -18.21 12.22
C GLY C 160 2.05 -18.97 11.28
N SER C 161 1.49 -19.87 10.48
CA SER C 161 2.31 -20.61 9.53
C SER C 161 2.97 -19.67 8.54
N VAL C 162 2.19 -18.76 7.95
CA VAL C 162 2.76 -17.86 6.94
C VAL C 162 3.78 -16.92 7.57
N VAL C 163 3.53 -16.48 8.80
CA VAL C 163 4.47 -15.59 9.47
C VAL C 163 5.78 -16.33 9.77
N TYR C 164 5.69 -17.56 10.25
CA TYR C 164 6.90 -18.33 10.54
C TYR C 164 7.69 -18.60 9.28
N ALA C 165 7.01 -18.90 8.17
CA ALA C 165 7.71 -19.16 6.92
C ALA C 165 8.55 -17.97 6.49
N HIS C 166 8.02 -16.75 6.64
CA HIS C 166 8.69 -15.54 6.21
C HIS C 166 9.30 -14.75 7.36
N SER C 167 9.76 -15.45 8.41
CA SER C 167 10.22 -14.76 9.61
C SER C 167 11.43 -13.89 9.33
N LYS C 168 12.37 -14.37 8.51
CA LYS C 168 13.62 -13.65 8.31
C LYS C 168 13.38 -12.29 7.66
N GLU C 169 12.54 -12.24 6.63
CA GLU C 169 12.29 -10.97 5.94
C GLU C 169 11.44 -10.04 6.79
N LEU C 170 10.48 -10.58 7.54
CA LEU C 170 9.74 -9.74 8.47
C LEU C 170 10.68 -9.09 9.47
N VAL C 171 11.65 -9.86 9.98
CA VAL C 171 12.59 -9.32 10.96
C VAL C 171 13.46 -8.25 10.32
N THR C 172 13.97 -8.49 9.12
CA THR C 172 14.83 -7.49 8.50
C THR C 172 14.05 -6.21 8.20
N ALA C 173 12.82 -6.34 7.71
CA ALA C 173 12.00 -5.17 7.45
C ALA C 173 11.71 -4.40 8.73
N TRP C 174 11.36 -5.10 9.81
CA TRP C 174 11.09 -4.43 11.08
C TRP C 174 12.34 -3.71 11.59
N TYR C 175 13.49 -4.38 11.52
CA TYR C 175 14.73 -3.77 11.99
C TYR C 175 15.03 -2.48 11.23
N ILE C 176 15.01 -2.55 9.90
CA ILE C 176 15.38 -1.38 9.11
C ILE C 176 14.36 -0.27 9.27
N GLY C 177 13.07 -0.62 9.33
CA GLY C 177 12.05 0.40 9.53
C GLY C 177 12.19 1.10 10.86
N PHE C 178 12.45 0.34 11.92
CA PHE C 178 12.65 0.96 13.23
C PHE C 178 13.85 1.88 13.24
N LEU C 179 14.96 1.43 12.62
CA LEU C 179 16.15 2.28 12.57
C LEU C 179 15.86 3.57 11.81
N CYS C 180 15.16 3.46 10.67
CA CYS C 180 14.83 4.65 9.90
C CYS C 180 13.93 5.58 10.68
N LEU C 181 12.94 5.04 11.39
CA LEU C 181 12.06 5.87 12.20
C LEU C 181 12.85 6.64 13.24
N ILE C 182 13.73 5.95 13.98
CA ILE C 182 14.49 6.61 15.03
C ILE C 182 15.37 7.70 14.44
N LEU C 183 16.09 7.38 13.37
CA LEU C 183 17.00 8.36 12.79
C LEU C 183 16.25 9.58 12.28
N ALA C 184 15.16 9.37 11.54
CA ALA C 184 14.41 10.50 11.00
C ALA C 184 13.83 11.35 12.10
N SER C 185 13.24 10.73 13.12
CA SER C 185 12.64 11.49 14.21
C SER C 185 13.70 12.32 14.93
N PHE C 186 14.86 11.73 15.22
CA PHE C 186 15.90 12.47 15.91
C PHE C 186 16.41 13.63 15.07
N LEU C 187 16.64 13.39 13.78
CA LEU C 187 17.16 14.46 12.93
C LEU C 187 16.17 15.61 12.80
N VAL C 188 14.89 15.29 12.63
CA VAL C 188 13.88 16.34 12.51
C VAL C 188 13.74 17.09 13.83
N TYR C 189 13.79 16.39 14.96
CA TYR C 189 13.72 17.05 16.24
C TYR C 189 14.87 18.01 16.43
N LEU C 190 16.08 17.60 16.05
CA LEU C 190 17.22 18.50 16.12
C LEU C 190 17.01 19.71 15.22
N ALA C 191 16.49 19.48 14.01
CA ALA C 191 16.37 20.57 13.04
C ALA C 191 15.22 21.52 13.35
N GLU C 192 14.30 21.14 14.23
CA GLU C 192 13.13 21.97 14.52
C GLU C 192 12.84 22.01 16.02
N LYS C 193 13.88 22.21 16.82
CA LYS C 193 13.69 22.27 18.26
C LYS C 193 12.99 23.56 18.68
N GLY C 194 13.40 24.70 18.13
CA GLY C 194 12.91 25.98 18.59
C GLY C 194 12.09 26.75 17.57
N GLU C 195 12.26 26.43 16.29
CA GLU C 195 11.57 27.17 15.24
C GLU C 195 10.15 26.66 14.97
N ASN C 196 9.76 25.53 15.55
CA ASN C 196 8.43 24.97 15.36
C ASN C 196 7.94 24.45 16.70
N ASP C 197 6.78 24.95 17.14
CA ASP C 197 6.24 24.55 18.43
C ASP C 197 5.68 23.13 18.41
N HIS C 198 5.48 22.53 17.23
CA HIS C 198 5.02 21.15 17.17
C HIS C 198 6.05 20.21 17.80
N PHE C 199 7.32 20.40 17.48
CA PHE C 199 8.39 19.53 17.98
C PHE C 199 9.08 20.21 19.15
N ASP C 200 8.47 20.08 20.32
CA ASP C 200 9.04 20.64 21.55
C ASP C 200 9.70 19.58 22.44
N THR C 201 9.34 18.32 22.30
CA THR C 201 9.99 17.23 23.00
C THR C 201 10.23 16.08 22.02
N TYR C 202 11.21 15.24 22.37
CA TYR C 202 11.52 14.11 21.51
C TYR C 202 10.34 13.17 21.37
N ALA C 203 9.47 13.10 22.37
CA ALA C 203 8.26 12.30 22.25
C ALA C 203 7.38 12.78 21.12
N ASP C 204 7.26 14.11 20.98
CA ASP C 204 6.47 14.66 19.88
C ASP C 204 7.07 14.31 18.52
N ALA C 205 8.40 14.37 18.41
CA ALA C 205 9.05 14.01 17.16
C ALA C 205 8.83 12.53 16.84
N LEU C 206 8.90 11.67 17.86
CA LEU C 206 8.65 10.24 17.64
C LEU C 206 7.21 10.02 17.18
N TRP C 207 6.26 10.72 17.79
CA TRP C 207 4.87 10.60 17.36
C TRP C 207 4.70 11.05 15.92
N TRP C 208 5.33 12.16 15.55
CA TRP C 208 5.27 12.62 14.17
C TRP C 208 5.86 11.59 13.22
N GLY C 209 7.01 11.02 13.56
CA GLY C 209 7.62 10.03 12.70
C GLY C 209 6.75 8.80 12.54
N LEU C 210 6.15 8.32 13.63
CA LEU C 210 5.27 7.17 13.55
C LEU C 210 4.07 7.48 12.66
N ILE C 211 3.49 8.68 12.78
CA ILE C 211 2.31 9.01 12.00
C ILE C 211 2.64 9.28 10.54
N THR C 212 3.89 9.64 10.22
CA THR C 212 4.24 9.91 8.84
C THR C 212 4.77 8.69 8.10
N LEU C 213 5.54 7.84 8.77
CA LEU C 213 6.08 6.66 8.08
C LEU C 213 5.02 5.60 7.83
N THR C 214 3.91 5.63 8.59
CA THR C 214 2.76 4.80 8.27
C THR C 214 1.87 5.41 7.20
N THR C 215 2.13 6.66 6.81
CA THR C 215 1.34 7.41 5.83
C THR C 215 -0.06 7.74 6.34
N ILE C 216 -0.27 7.70 7.66
CA ILE C 216 -1.56 8.13 8.21
C ILE C 216 -1.72 9.64 8.06
N GLY C 217 -0.68 10.40 8.41
CA GLY C 217 -0.65 11.83 8.18
C GLY C 217 -1.83 12.61 8.73
N TYR C 218 -1.94 12.70 10.06
CA TYR C 218 -3.01 13.48 10.67
C TYR C 218 -2.92 14.94 10.26
N GLY C 219 -1.72 15.50 10.27
CA GLY C 219 -1.52 16.92 10.06
C GLY C 219 -1.38 17.74 11.32
N ASP C 220 -1.52 17.12 12.50
CA ASP C 220 -1.34 17.86 13.74
C ASP C 220 0.10 18.34 13.90
N LYS C 221 1.06 17.61 13.34
CA LYS C 221 2.48 17.99 13.37
C LYS C 221 3.07 17.81 11.99
N TYR C 222 3.94 18.74 11.60
CA TYR C 222 4.67 18.61 10.34
C TYR C 222 5.79 19.64 10.29
N PRO C 223 6.91 19.32 9.65
CA PRO C 223 8.03 20.27 9.62
C PRO C 223 7.69 21.53 8.85
N GLN C 224 8.30 22.64 9.28
CA GLN C 224 8.04 23.94 8.67
C GLN C 224 9.33 24.63 8.25
N THR C 225 10.42 24.38 8.97
CA THR C 225 11.71 24.94 8.59
C THR C 225 12.26 24.18 7.39
N TRP C 226 13.17 24.84 6.66
CA TRP C 226 13.74 24.21 5.48
C TRP C 226 14.55 22.97 5.84
N ASN C 227 15.21 22.97 6.99
CA ASN C 227 15.95 21.79 7.43
C ASN C 227 15.04 20.59 7.57
N GLY C 228 13.92 20.76 8.28
CA GLY C 228 13.03 19.65 8.50
C GLY C 228 12.45 19.09 7.21
N ARG C 229 12.02 19.97 6.32
CA ARG C 229 11.46 19.52 5.05
C ARG C 229 12.51 18.83 4.20
N LEU C 230 13.74 19.37 4.19
CA LEU C 230 14.81 18.75 3.42
C LEU C 230 15.13 17.35 3.93
N LEU C 231 15.20 17.18 5.26
CA LEU C 231 15.53 15.87 5.81
C LEU C 231 14.38 14.89 5.61
N ALA C 232 13.14 15.37 5.75
CA ALA C 232 11.99 14.50 5.50
C ALA C 232 11.99 14.01 4.06
N ALA C 233 12.24 14.91 3.10
CA ALA C 233 12.17 14.55 1.69
C ALA C 233 12.95 13.28 1.36
N THR C 234 13.89 12.89 2.21
CA THR C 234 14.65 11.64 2.04
C THR C 234 14.21 10.57 3.03
N PHE C 235 14.16 10.90 4.32
CA PHE C 235 13.94 9.86 5.31
C PHE C 235 12.52 9.32 5.24
N THR C 236 11.53 10.17 4.95
CA THR C 236 10.18 9.63 4.78
C THR C 236 10.06 8.81 3.52
N LEU C 237 10.78 9.17 2.45
CA LEU C 237 10.75 8.35 1.24
C LEU C 237 11.25 6.95 1.53
N ILE C 238 12.31 6.83 2.32
CA ILE C 238 12.81 5.49 2.67
C ILE C 238 11.83 4.79 3.63
N GLY C 239 11.39 5.51 4.66
CA GLY C 239 10.61 4.88 5.71
C GLY C 239 9.25 4.40 5.27
N VAL C 240 8.60 5.13 4.36
CA VAL C 240 7.28 4.74 3.91
C VAL C 240 7.34 3.37 3.24
N SER C 241 8.33 3.17 2.37
CA SER C 241 8.50 1.88 1.73
C SER C 241 8.83 0.80 2.75
N PHE C 242 9.76 1.08 3.68
CA PHE C 242 10.13 0.04 4.63
C PHE C 242 9.05 -0.23 5.66
N PHE C 243 8.03 0.62 5.76
CA PHE C 243 6.88 0.36 6.61
C PHE C 243 5.75 -0.33 5.87
N ALA C 244 5.66 -0.11 4.55
CA ALA C 244 4.70 -0.85 3.74
C ALA C 244 5.17 -2.26 3.41
N LEU C 245 6.48 -2.53 3.54
CA LEU C 245 7.01 -3.84 3.18
C LEU C 245 6.30 -5.02 3.84
N PRO C 246 6.06 -5.03 5.16
CA PRO C 246 5.51 -6.26 5.78
C PRO C 246 4.20 -6.71 5.18
N ALA C 247 3.29 -5.79 4.88
CA ALA C 247 2.01 -6.18 4.31
C ALA C 247 2.18 -6.82 2.94
N GLY C 248 3.06 -6.25 2.11
CA GLY C 248 3.33 -6.85 0.82
C GLY C 248 3.95 -8.24 0.95
N ILE C 249 4.89 -8.39 1.87
CA ILE C 249 5.51 -9.70 2.08
C ILE C 249 4.46 -10.73 2.46
N LEU C 250 3.58 -10.38 3.41
CA LEU C 250 2.59 -11.33 3.86
C LEU C 250 1.56 -11.64 2.78
N GLY C 251 1.16 -10.63 2.00
CA GLY C 251 0.22 -10.87 0.92
C GLY C 251 0.79 -11.80 -0.14
N SER C 252 2.04 -11.56 -0.54
CA SER C 252 2.68 -12.44 -1.50
C SER C 252 2.85 -13.84 -0.94
N GLY C 253 3.16 -13.95 0.36
CA GLY C 253 3.23 -15.26 0.98
C GLY C 253 1.92 -16.01 0.89
N PHE C 254 0.81 -15.33 1.22
CA PHE C 254 -0.49 -15.97 1.13
C PHE C 254 -0.80 -16.41 -0.30
N ALA C 255 -0.53 -15.55 -1.28
CA ALA C 255 -0.83 -15.90 -2.66
C ALA C 255 0.00 -17.08 -3.13
N LEU C 256 1.29 -17.10 -2.81
CA LEU C 256 2.14 -18.21 -3.20
C LEU C 256 1.72 -19.50 -2.51
N LYS C 257 1.31 -19.41 -1.25
CA LYS C 257 0.81 -20.59 -0.56
C LYS C 257 -0.42 -21.14 -1.24
N VAL C 258 -1.34 -20.27 -1.66
CA VAL C 258 -2.51 -20.74 -2.40
C VAL C 258 -2.09 -21.41 -3.69
N GLN C 259 -1.16 -20.80 -4.43
CA GLN C 259 -0.74 -21.39 -5.70
C GLN C 259 -0.17 -22.79 -5.48
N GLU C 260 0.73 -22.93 -4.51
CA GLU C 260 1.35 -24.24 -4.28
C GLU C 260 0.33 -25.25 -3.80
N GLN C 261 -0.58 -24.85 -2.91
CA GLN C 261 -1.60 -25.76 -2.44
C GLN C 261 -2.50 -26.23 -3.57
N HIS C 262 -2.90 -25.30 -4.45
CA HIS C 262 -3.77 -25.65 -5.57
C HIS C 262 -3.09 -26.62 -6.51
N ARG C 263 -1.82 -26.34 -6.86
CA ARG C 263 -1.12 -27.24 -7.75
C ARG C 263 -0.94 -28.62 -7.11
N GLN C 264 -0.61 -28.66 -5.82
CA GLN C 264 -0.41 -29.93 -5.15
C GLN C 264 -1.71 -30.73 -5.10
N LYS C 265 -2.83 -30.07 -4.81
CA LYS C 265 -4.11 -30.78 -4.76
C LYS C 265 -4.53 -31.25 -6.14
N HIS C 266 -4.22 -30.46 -7.18
CA HIS C 266 -4.52 -30.91 -8.54
C HIS C 266 -3.66 -32.10 -8.92
N PHE C 267 -2.43 -32.18 -8.42
CA PHE C 267 -1.62 -33.37 -8.64
C PHE C 267 -2.28 -34.60 -8.03
N GLU C 268 -2.83 -34.47 -6.83
CA GLU C 268 -3.55 -35.56 -6.19
C GLU C 268 -4.77 -35.03 -5.44
N ARG D 8 -21.01 -9.14 -55.93
CA ARG D 8 -20.69 -8.22 -54.84
C ARG D 8 -21.13 -8.80 -53.50
N ASN D 9 -20.59 -9.98 -53.17
CA ASN D 9 -20.89 -10.64 -51.90
C ASN D 9 -19.65 -11.07 -51.13
N ALA D 10 -18.48 -11.18 -51.78
CA ALA D 10 -17.26 -11.44 -51.03
C ALA D 10 -16.89 -10.25 -50.16
N PHE D 11 -16.89 -9.04 -50.74
CA PHE D 11 -16.62 -7.84 -49.96
C PHE D 11 -17.69 -7.64 -48.89
N TYR D 12 -18.95 -7.92 -49.22
CA TYR D 12 -20.03 -7.80 -48.25
C TYR D 12 -19.74 -8.65 -47.01
N ARG D 13 -19.43 -9.93 -47.21
CA ARG D 13 -19.19 -10.81 -46.08
C ARG D 13 -17.90 -10.45 -45.36
N LYS D 14 -16.88 -10.04 -46.10
CA LYS D 14 -15.62 -9.64 -45.46
C LYS D 14 -15.86 -8.45 -44.53
N LEU D 15 -16.54 -7.42 -45.02
CA LEU D 15 -16.81 -6.25 -44.19
C LEU D 15 -17.69 -6.62 -43.00
N GLN D 16 -18.72 -7.44 -43.21
CA GLN D 16 -19.59 -7.81 -42.10
C GLN D 16 -18.81 -8.56 -41.03
N ASN D 17 -17.99 -9.52 -41.45
CA ASN D 17 -17.16 -10.25 -40.49
C ASN D 17 -16.26 -9.32 -39.70
N PHE D 18 -15.52 -8.46 -40.40
CA PHE D 18 -14.56 -7.60 -39.71
C PHE D 18 -15.27 -6.64 -38.76
N LEU D 19 -16.39 -6.07 -39.21
CA LEU D 19 -17.11 -5.11 -38.39
C LEU D 19 -17.72 -5.77 -37.16
N TYR D 20 -18.29 -6.96 -37.32
CA TYR D 20 -18.84 -7.65 -36.16
C TYR D 20 -17.73 -8.01 -35.18
N ASN D 21 -16.58 -8.46 -35.68
CA ASN D 21 -15.48 -8.81 -34.79
C ASN D 21 -14.98 -7.58 -34.04
N VAL D 22 -14.85 -6.44 -34.72
CA VAL D 22 -14.35 -5.23 -34.07
C VAL D 22 -15.37 -4.73 -33.05
N LEU D 23 -16.64 -4.67 -33.45
CA LEU D 23 -17.67 -4.11 -32.57
C LEU D 23 -18.01 -5.08 -31.44
N GLU D 24 -18.12 -6.37 -31.76
CA GLU D 24 -18.24 -7.40 -30.73
C GLU D 24 -16.84 -7.66 -30.17
N ARG D 25 -16.67 -8.78 -29.47
CA ARG D 25 -15.45 -9.02 -28.70
C ARG D 25 -14.22 -8.64 -29.51
N PRO D 26 -13.49 -7.60 -29.08
CA PRO D 26 -12.24 -7.25 -29.75
C PRO D 26 -11.03 -7.86 -29.04
N ARG D 27 -9.89 -7.84 -29.74
CA ARG D 27 -8.69 -8.44 -29.20
C ARG D 27 -7.47 -7.52 -29.32
N GLY D 28 -7.48 -6.62 -30.30
CA GLY D 28 -6.31 -5.82 -30.60
C GLY D 28 -6.60 -4.36 -30.84
N TRP D 29 -6.21 -3.86 -32.02
CA TRP D 29 -6.39 -2.45 -32.33
C TRP D 29 -7.86 -2.05 -32.36
N ALA D 30 -8.78 -3.02 -32.40
CA ALA D 30 -10.20 -2.70 -32.33
C ALA D 30 -10.52 -1.90 -31.07
N PHE D 31 -9.69 -2.05 -30.03
CA PHE D 31 -9.91 -1.32 -28.80
C PHE D 31 -9.74 0.19 -28.98
N ILE D 32 -9.15 0.62 -30.10
CA ILE D 32 -8.96 2.05 -30.34
C ILE D 32 -10.30 2.75 -30.44
N TYR D 33 -11.23 2.16 -31.19
CA TYR D 33 -12.55 2.74 -31.35
C TYR D 33 -13.29 2.78 -30.01
N HIS D 34 -13.18 1.71 -29.23
CA HIS D 34 -13.79 1.67 -27.92
C HIS D 34 -13.20 2.76 -27.02
N ALA D 35 -11.90 2.95 -27.09
CA ALA D 35 -11.25 4.00 -26.31
C ALA D 35 -11.76 5.38 -26.70
N TYR D 36 -11.92 5.61 -28.00
CA TYR D 36 -12.41 6.92 -28.46
C TYR D 36 -13.82 7.18 -27.98
N VAL D 37 -14.71 6.18 -28.09
CA VAL D 37 -16.09 6.38 -27.65
C VAL D 37 -16.12 6.56 -26.13
N PHE D 38 -15.28 5.83 -25.41
CA PHE D 38 -15.18 6.02 -23.97
C PHE D 38 -14.74 7.44 -23.65
N LEU D 39 -13.77 7.96 -24.39
CA LEU D 39 -13.28 9.31 -24.16
C LEU D 39 -14.41 10.32 -24.38
N LEU D 40 -15.21 10.10 -25.42
CA LEU D 40 -16.33 11.00 -25.68
C LEU D 40 -17.32 10.99 -24.51
N VAL D 41 -17.71 9.80 -24.05
CA VAL D 41 -18.69 9.73 -22.97
C VAL D 41 -18.09 10.30 -21.67
N PHE D 42 -16.79 10.09 -21.46
CA PHE D 42 -16.13 10.63 -20.28
C PHE D 42 -16.10 12.15 -20.31
N SER D 43 -15.87 12.73 -21.50
CA SER D 43 -15.93 14.17 -21.64
C SER D 43 -17.33 14.68 -21.34
N CYS D 44 -18.35 13.95 -21.80
CA CYS D 44 -19.72 14.31 -21.47
C CYS D 44 -19.95 14.32 -19.96
N LEU D 45 -19.45 13.29 -19.28
CA LEU D 45 -19.62 13.21 -17.83
C LEU D 45 -18.92 14.37 -17.13
N VAL D 46 -17.70 14.69 -17.56
CA VAL D 46 -16.96 15.77 -16.91
C VAL D 46 -17.65 17.11 -17.14
N LEU D 47 -18.19 17.30 -18.35
CA LEU D 47 -18.92 18.54 -18.61
C LEU D 47 -20.18 18.63 -17.76
N SER D 48 -20.87 17.51 -17.56
CA SER D 48 -22.01 17.53 -16.64
C SER D 48 -21.58 17.90 -15.22
N VAL D 49 -20.47 17.33 -14.76
CA VAL D 49 -19.99 17.64 -13.41
C VAL D 49 -19.67 19.12 -13.29
N PHE D 50 -19.05 19.69 -14.33
CA PHE D 50 -18.82 21.14 -14.33
C PHE D 50 -20.13 21.92 -14.36
N SER D 51 -21.14 21.42 -15.07
CA SER D 51 -22.45 22.05 -15.07
C SER D 51 -23.13 22.00 -13.72
N THR D 52 -22.73 21.09 -12.84
CA THR D 52 -23.30 21.07 -11.49
C THR D 52 -23.00 22.34 -10.72
N ILE D 53 -22.02 23.14 -11.15
CA ILE D 53 -21.63 24.36 -10.47
C ILE D 53 -22.34 25.54 -11.13
N LYS D 54 -22.47 26.64 -10.39
CA LYS D 54 -23.14 27.83 -10.89
C LYS D 54 -22.20 28.77 -11.64
N GLU D 55 -20.96 28.91 -11.18
CA GLU D 55 -20.04 29.85 -11.82
C GLU D 55 -19.77 29.46 -13.27
N TYR D 56 -19.53 28.17 -13.53
CA TYR D 56 -19.16 27.68 -14.85
C TYR D 56 -20.32 27.01 -15.57
N GLU D 57 -21.56 27.29 -15.17
CA GLU D 57 -22.69 26.62 -15.80
C GLU D 57 -22.80 26.94 -17.29
N LYS D 58 -22.56 28.21 -17.66
CA LYS D 58 -22.81 28.65 -19.02
C LYS D 58 -22.04 27.81 -20.03
N SER D 59 -20.71 27.88 -19.98
CA SER D 59 -19.89 27.15 -20.96
C SER D 59 -20.14 25.65 -20.87
N SER D 60 -20.36 25.15 -19.66
CA SER D 60 -20.60 23.72 -19.48
C SER D 60 -21.80 23.27 -20.29
N GLU D 61 -22.94 23.95 -20.13
CA GLU D 61 -24.13 23.53 -20.88
C GLU D 61 -23.96 23.79 -22.36
N GLY D 62 -23.28 24.89 -22.71
CA GLY D 62 -23.06 25.18 -24.12
C GLY D 62 -22.35 24.05 -24.84
N ALA D 63 -21.32 23.49 -24.20
CA ALA D 63 -20.63 22.34 -24.80
C ALA D 63 -21.45 21.06 -24.66
N LEU D 64 -22.12 20.89 -23.52
CA LEU D 64 -22.77 19.63 -23.20
C LEU D 64 -23.93 19.34 -24.14
N TYR D 65 -24.67 20.37 -24.55
CA TYR D 65 -25.80 20.13 -25.44
C TYR D 65 -25.35 19.46 -26.74
N ILE D 66 -24.35 20.05 -27.41
CA ILE D 66 -23.90 19.51 -28.68
C ILE D 66 -23.18 18.17 -28.47
N LEU D 67 -22.44 18.04 -27.37
CA LEU D 67 -21.75 16.78 -27.14
C LEU D 67 -22.75 15.64 -26.91
N GLU D 68 -23.85 15.93 -26.19
CA GLU D 68 -24.88 14.94 -25.97
C GLU D 68 -25.56 14.56 -27.28
N ILE D 69 -25.82 15.55 -28.14
CA ILE D 69 -26.39 15.22 -29.45
C ILE D 69 -25.45 14.31 -30.21
N VAL D 70 -24.16 14.62 -30.21
N VAL D 70 -24.16 14.62 -30.21
CA VAL D 70 -23.18 13.84 -30.96
CA VAL D 70 -23.18 13.84 -30.96
C VAL D 70 -23.12 12.41 -30.44
C VAL D 70 -23.12 12.41 -30.44
N THR D 71 -23.09 12.25 -29.11
CA THR D 71 -23.02 10.91 -28.54
C THR D 71 -24.27 10.12 -28.82
N ILE D 72 -25.45 10.77 -28.83
CA ILE D 72 -26.67 10.05 -29.19
C ILE D 72 -26.57 9.55 -30.63
N VAL D 73 -26.12 10.42 -31.54
CA VAL D 73 -25.98 10.00 -32.93
C VAL D 73 -25.03 8.81 -33.03
N VAL D 74 -23.89 8.89 -32.34
CA VAL D 74 -22.90 7.83 -32.43
C VAL D 74 -23.46 6.53 -31.90
N PHE D 75 -24.14 6.58 -30.75
CA PHE D 75 -24.68 5.36 -30.15
C PHE D 75 -25.75 4.74 -31.04
N GLY D 76 -26.62 5.56 -31.64
CA GLY D 76 -27.62 5.01 -32.54
C GLY D 76 -26.99 4.33 -33.73
N VAL D 77 -26.00 4.98 -34.35
CA VAL D 77 -25.33 4.38 -35.50
C VAL D 77 -24.66 3.08 -35.10
N GLU D 78 -23.99 3.07 -33.94
CA GLU D 78 -23.33 1.85 -33.49
C GLU D 78 -24.33 0.73 -33.27
N TYR D 79 -25.46 1.03 -32.64
CA TYR D 79 -26.45 -0.01 -32.40
C TYR D 79 -26.97 -0.59 -33.71
N PHE D 80 -27.29 0.27 -34.68
CA PHE D 80 -27.81 -0.23 -35.94
C PHE D 80 -26.77 -1.06 -36.69
N VAL D 81 -25.52 -0.60 -36.73
CA VAL D 81 -24.50 -1.36 -37.45
C VAL D 81 -24.24 -2.69 -36.74
N ARG D 82 -24.29 -2.71 -35.40
CA ARG D 82 -24.15 -3.97 -34.68
C ARG D 82 -25.28 -4.92 -35.04
N ILE D 83 -26.52 -4.42 -35.08
CA ILE D 83 -27.63 -5.28 -35.44
C ILE D 83 -27.42 -5.85 -36.84
N TRP D 84 -26.97 -5.02 -37.78
CA TRP D 84 -26.76 -5.52 -39.14
C TRP D 84 -25.65 -6.56 -39.19
N ALA D 85 -24.51 -6.26 -38.56
CA ALA D 85 -23.37 -7.17 -38.58
C ALA D 85 -23.60 -8.42 -37.77
N ALA D 86 -24.67 -8.48 -36.97
CA ALA D 86 -24.95 -9.68 -36.19
C ALA D 86 -25.15 -10.91 -37.09
N GLY D 87 -25.46 -10.71 -38.37
CA GLY D 87 -25.62 -11.83 -39.27
C GLY D 87 -24.35 -12.61 -39.52
N CYS D 88 -23.20 -12.08 -39.09
CA CYS D 88 -21.94 -12.79 -39.26
C CYS D 88 -21.97 -14.14 -38.55
N CYS D 89 -22.45 -14.15 -37.31
CA CYS D 89 -22.46 -15.39 -36.53
C CYS D 89 -23.40 -16.40 -37.18
N CYS D 90 -22.99 -17.67 -37.15
CA CYS D 90 -23.79 -18.72 -37.77
C CYS D 90 -25.14 -18.88 -37.09
N ARG D 91 -25.27 -18.47 -35.83
CA ARG D 91 -26.54 -18.63 -35.13
C ARG D 91 -27.57 -17.60 -35.60
N TYR D 92 -27.25 -16.32 -35.47
CA TYR D 92 -28.16 -15.25 -35.85
C TYR D 92 -28.08 -15.05 -37.36
N ARG D 93 -29.09 -15.52 -38.08
CA ARG D 93 -29.14 -15.42 -39.53
C ARG D 93 -30.53 -14.98 -39.97
N GLY D 94 -30.57 -14.11 -40.98
CA GLY D 94 -31.82 -13.74 -41.59
C GLY D 94 -32.66 -12.82 -40.71
N TRP D 95 -33.87 -12.56 -41.20
CA TRP D 95 -34.79 -11.66 -40.49
C TRP D 95 -35.12 -12.21 -39.11
N ARG D 96 -35.45 -13.50 -39.04
CA ARG D 96 -35.79 -14.09 -37.74
C ARG D 96 -34.59 -14.09 -36.81
N GLY D 97 -33.40 -14.39 -37.33
CA GLY D 97 -32.22 -14.40 -36.49
C GLY D 97 -31.92 -13.03 -35.91
N ARG D 98 -31.97 -12.00 -36.76
CA ARG D 98 -31.71 -10.65 -36.25
C ARG D 98 -32.81 -10.19 -35.31
N LEU D 99 -34.06 -10.59 -35.55
CA LEU D 99 -35.14 -10.23 -34.65
C LEU D 99 -34.93 -10.85 -33.27
N LYS D 100 -34.55 -12.13 -33.24
CA LYS D 100 -34.34 -12.80 -31.96
C LYS D 100 -33.01 -12.42 -31.31
N PHE D 101 -32.11 -11.79 -32.06
CA PHE D 101 -30.88 -11.28 -31.46
C PHE D 101 -31.18 -10.25 -30.38
N ALA D 102 -32.14 -9.35 -30.64
CA ALA D 102 -32.36 -8.22 -29.76
C ALA D 102 -32.82 -8.62 -28.36
N ARG D 103 -33.28 -9.87 -28.18
CA ARG D 103 -33.80 -10.28 -26.88
C ARG D 103 -32.73 -10.35 -25.80
N LYS D 104 -31.45 -10.27 -26.16
CA LYS D 104 -30.41 -10.35 -25.14
C LYS D 104 -30.48 -9.13 -24.23
N PRO D 105 -30.05 -9.27 -22.96
CA PRO D 105 -30.21 -8.15 -22.02
C PRO D 105 -29.49 -6.89 -22.45
N PHE D 106 -28.30 -7.01 -23.05
CA PHE D 106 -27.50 -5.82 -23.33
C PHE D 106 -28.04 -5.05 -24.53
N CYS D 107 -28.53 -5.75 -25.55
CA CYS D 107 -29.08 -5.05 -26.71
C CYS D 107 -30.33 -4.27 -26.32
N VAL D 108 -31.22 -4.89 -25.55
CA VAL D 108 -32.42 -4.18 -25.09
C VAL D 108 -32.03 -3.04 -24.16
N ILE D 109 -31.01 -3.26 -23.33
CA ILE D 109 -30.52 -2.19 -22.48
C ILE D 109 -30.07 -1.00 -23.34
N ASP D 110 -29.30 -1.27 -24.38
CA ASP D 110 -28.79 -0.21 -25.23
C ASP D 110 -29.91 0.54 -25.95
N ILE D 111 -30.88 -0.19 -26.51
CA ILE D 111 -31.94 0.47 -27.25
C ILE D 111 -32.80 1.32 -26.31
N MET D 112 -33.18 0.74 -25.16
CA MET D 112 -33.95 1.51 -24.20
C MET D 112 -33.16 2.72 -23.70
N VAL D 113 -31.84 2.58 -23.59
CA VAL D 113 -31.00 3.66 -23.07
C VAL D 113 -30.98 4.81 -24.04
N LEU D 114 -30.75 4.52 -25.32
CA LEU D 114 -30.73 5.61 -26.29
C LEU D 114 -32.11 6.23 -26.44
N ILE D 115 -33.17 5.43 -26.32
CA ILE D 115 -34.53 6.00 -26.34
C ILE D 115 -34.72 6.96 -25.17
N ALA D 116 -34.33 6.53 -23.97
CA ALA D 116 -34.52 7.35 -22.79
C ALA D 116 -33.72 8.65 -22.89
N SER D 117 -32.47 8.56 -23.34
CA SER D 117 -31.64 9.76 -23.41
C SER D 117 -32.13 10.71 -24.50
N ILE D 118 -32.61 10.18 -25.63
CA ILE D 118 -33.14 11.04 -26.67
C ILE D 118 -34.42 11.73 -26.17
N ALA D 119 -35.23 11.01 -25.38
CA ALA D 119 -36.41 11.64 -24.80
C ALA D 119 -36.01 12.74 -23.81
N VAL D 120 -34.99 12.47 -22.99
CA VAL D 120 -34.56 13.46 -22.00
C VAL D 120 -34.07 14.72 -22.69
N LEU D 121 -33.19 14.57 -23.68
CA LEU D 121 -32.70 15.74 -24.40
C LEU D 121 -33.78 16.41 -25.24
N ALA D 122 -34.82 15.67 -25.62
CA ALA D 122 -35.90 16.23 -26.41
C ALA D 122 -37.23 16.11 -25.67
N SER D 133 -33.99 20.61 -14.78
CA SER D 133 -34.10 19.85 -13.53
C SER D 133 -34.03 18.35 -13.78
N ALA D 134 -33.78 17.96 -15.03
CA ALA D 134 -33.69 16.56 -15.42
C ALA D 134 -32.25 16.06 -15.44
N LEU D 135 -31.29 16.89 -15.01
CA LEU D 135 -29.89 16.48 -15.06
C LEU D 135 -29.60 15.27 -14.18
N ARG D 136 -30.43 15.02 -13.16
CA ARG D 136 -30.24 13.81 -12.37
C ARG D 136 -30.42 12.56 -13.22
N SER D 137 -31.45 12.55 -14.08
CA SER D 137 -31.62 11.43 -15.00
C SER D 137 -30.43 11.31 -15.94
N LEU D 138 -29.88 12.44 -16.38
CA LEU D 138 -28.70 12.41 -17.24
C LEU D 138 -27.52 11.77 -16.50
N ARG D 139 -27.32 12.12 -15.24
CA ARG D 139 -26.24 11.50 -14.47
C ARG D 139 -26.46 9.99 -14.35
N PHE D 140 -27.70 9.59 -14.04
CA PHE D 140 -27.99 8.17 -13.90
C PHE D 140 -27.71 7.43 -15.21
N LEU D 141 -28.18 7.97 -16.33
CA LEU D 141 -27.97 7.30 -17.61
C LEU D 141 -26.49 7.30 -18.00
N GLN D 142 -25.74 8.33 -17.63
CA GLN D 142 -24.32 8.35 -17.95
C GLN D 142 -23.56 7.28 -17.18
N ILE D 143 -23.80 7.18 -15.87
CA ILE D 143 -23.14 6.12 -15.11
C ILE D 143 -23.59 4.76 -15.60
N LEU D 144 -24.85 4.63 -16.01
CA LEU D 144 -25.31 3.37 -16.56
C LEU D 144 -24.59 3.03 -17.87
N ARG D 145 -24.35 4.03 -18.71
CA ARG D 145 -23.59 3.80 -19.93
C ARG D 145 -22.18 3.34 -19.60
N MET D 146 -21.57 3.94 -18.57
CA MET D 146 -20.26 3.47 -18.13
C MET D 146 -20.33 2.02 -17.70
N ILE D 147 -21.41 1.65 -17.00
CA ILE D 147 -21.61 0.25 -16.64
C ILE D 147 -21.70 -0.63 -17.89
N ARG D 148 -22.34 -0.11 -18.94
CA ARG D 148 -22.53 -0.88 -20.17
C ARG D 148 -21.21 -1.12 -20.90
N MET D 149 -20.13 -0.44 -20.48
CA MET D 149 -18.88 -0.52 -21.23
C MET D 149 -18.36 -1.95 -21.31
N ASP D 150 -18.68 -2.77 -20.31
CA ASP D 150 -18.18 -4.14 -20.30
C ASP D 150 -18.91 -4.99 -21.34
N ARG D 151 -20.24 -5.08 -21.25
CA ARG D 151 -21.06 -5.76 -22.23
C ARG D 151 -20.96 -7.27 -22.12
N ARG D 152 -20.08 -7.78 -21.26
CA ARG D 152 -19.95 -9.23 -21.09
C ARG D 152 -19.71 -9.66 -19.65
N GLY D 153 -19.55 -8.73 -18.71
CA GLY D 153 -19.29 -9.12 -17.34
C GLY D 153 -17.98 -9.84 -17.12
N GLY D 154 -17.03 -9.71 -18.05
CA GLY D 154 -15.75 -10.38 -17.89
C GLY D 154 -15.00 -9.91 -16.66
N THR D 155 -15.03 -8.60 -16.40
CA THR D 155 -14.38 -8.06 -15.21
C THR D 155 -14.93 -8.72 -13.94
N TRP D 156 -16.25 -8.79 -13.84
CA TRP D 156 -16.87 -9.38 -12.65
C TRP D 156 -16.51 -10.85 -12.52
N LYS D 157 -16.52 -11.59 -13.62
CA LYS D 157 -16.18 -13.01 -13.56
C LYS D 157 -14.74 -13.22 -13.12
N LEU D 158 -13.82 -12.44 -13.68
CA LEU D 158 -12.42 -12.57 -13.28
C LEU D 158 -12.23 -12.24 -11.81
N LEU D 159 -12.84 -11.14 -11.35
CA LEU D 159 -12.74 -10.78 -9.95
C LEU D 159 -13.30 -11.88 -9.05
N GLY D 160 -14.47 -12.42 -9.42
CA GLY D 160 -15.06 -13.46 -8.61
C GLY D 160 -14.20 -14.71 -8.56
N SER D 161 -13.61 -15.09 -9.69
CA SER D 161 -12.74 -16.26 -9.70
C SER D 161 -11.56 -16.06 -8.78
N VAL D 162 -10.88 -14.91 -8.89
CA VAL D 162 -9.69 -14.70 -8.07
C VAL D 162 -10.07 -14.60 -6.59
N VAL D 163 -11.22 -14.00 -6.29
CA VAL D 163 -11.66 -13.89 -4.90
C VAL D 163 -11.98 -15.26 -4.33
N TYR D 164 -12.66 -16.11 -5.10
CA TYR D 164 -13.00 -17.44 -4.62
C TYR D 164 -11.74 -18.27 -4.41
N ALA D 165 -10.76 -18.13 -5.30
CA ALA D 165 -9.52 -18.91 -5.15
C ALA D 165 -8.83 -18.59 -3.84
N HIS D 166 -8.81 -17.32 -3.44
CA HIS D 166 -8.11 -16.87 -2.24
C HIS D 166 -9.07 -16.58 -1.09
N SER D 167 -10.19 -17.32 -1.01
CA SER D 167 -11.21 -17.00 -0.02
C SER D 167 -10.69 -17.15 1.40
N LYS D 168 -9.90 -18.19 1.66
CA LYS D 168 -9.49 -18.48 3.03
C LYS D 168 -8.64 -17.36 3.60
N GLU D 169 -7.68 -16.86 2.82
CA GLU D 169 -6.81 -15.80 3.31
C GLU D 169 -7.54 -14.47 3.42
N LEU D 170 -8.45 -14.19 2.47
CA LEU D 170 -9.27 -13.00 2.61
C LEU D 170 -10.06 -13.05 3.91
N VAL D 171 -10.62 -14.21 4.23
CA VAL D 171 -11.42 -14.34 5.44
C VAL D 171 -10.55 -14.15 6.68
N THR D 172 -9.37 -14.77 6.70
CA THR D 172 -8.51 -14.62 7.89
C THR D 172 -8.06 -13.17 8.05
N ALA D 173 -7.70 -12.50 6.95
CA ALA D 173 -7.30 -11.10 7.04
C ALA D 173 -8.44 -10.24 7.53
N TRP D 174 -9.65 -10.45 7.00
CA TRP D 174 -10.79 -9.66 7.45
C TRP D 174 -11.08 -9.89 8.92
N TYR D 175 -11.04 -11.15 9.36
CA TYR D 175 -11.31 -11.46 10.77
C TYR D 175 -10.31 -10.75 11.68
N ILE D 176 -9.02 -10.89 11.39
CA ILE D 176 -8.02 -10.33 12.28
C ILE D 176 -8.06 -8.80 12.24
N GLY D 177 -8.27 -8.22 11.05
CA GLY D 177 -8.38 -6.78 10.96
C GLY D 177 -9.55 -6.23 11.74
N PHE D 178 -10.70 -6.88 11.64
CA PHE D 178 -11.86 -6.44 12.40
C PHE D 178 -11.61 -6.53 13.90
N LEU D 179 -11.01 -7.63 14.35
CA LEU D 179 -10.72 -7.78 15.77
C LEU D 179 -9.78 -6.67 16.24
N CYS D 180 -8.73 -6.39 15.45
CA CYS D 180 -7.78 -5.35 15.82
C CYS D 180 -8.47 -4.00 15.87
N LEU D 181 -9.33 -3.71 14.89
CA LEU D 181 -10.05 -2.43 14.89
C LEU D 181 -10.87 -2.29 16.17
N ILE D 182 -11.64 -3.32 16.50
CA ILE D 182 -12.51 -3.23 17.68
C ILE D 182 -11.68 -3.03 18.94
N LEU D 183 -10.62 -3.83 19.09
CA LEU D 183 -9.81 -3.73 20.30
C LEU D 183 -9.16 -2.36 20.42
N ALA D 184 -8.56 -1.87 19.33
CA ALA D 184 -7.88 -0.58 19.39
C ALA D 184 -8.87 0.55 19.68
N SER D 185 -10.03 0.53 19.01
CA SER D 185 -11.01 1.59 19.24
C SER D 185 -11.49 1.58 20.69
N PHE D 186 -11.78 0.40 21.24
CA PHE D 186 -12.27 0.35 22.61
C PHE D 186 -11.19 0.81 23.59
N LEU D 187 -9.95 0.38 23.39
CA LEU D 187 -8.89 0.77 24.31
C LEU D 187 -8.65 2.27 24.27
N VAL D 188 -8.62 2.86 23.07
CA VAL D 188 -8.40 4.30 22.96
C VAL D 188 -9.57 5.06 23.56
N TYR D 189 -10.80 4.59 23.34
CA TYR D 189 -11.96 5.24 23.92
C TYR D 189 -11.89 5.23 25.44
N LEU D 190 -11.50 4.09 26.02
CA LEU D 190 -11.31 4.04 27.47
C LEU D 190 -10.24 5.02 27.91
N ALA D 191 -9.12 5.08 27.18
CA ALA D 191 -8.00 5.90 27.61
C ALA D 191 -8.24 7.40 27.40
N GLU D 192 -9.24 7.78 26.61
CA GLU D 192 -9.46 9.19 26.30
C GLU D 192 -10.95 9.53 26.37
N LYS D 193 -11.63 9.07 27.42
CA LYS D 193 -13.05 9.36 27.55
C LYS D 193 -13.29 10.82 27.91
N GLY D 194 -12.52 11.35 28.85
CA GLY D 194 -12.78 12.68 29.37
C GLY D 194 -11.71 13.72 29.06
N GLU D 195 -10.50 13.26 28.78
CA GLU D 195 -9.39 14.18 28.54
C GLU D 195 -9.32 14.70 27.11
N ASN D 196 -10.12 14.15 26.19
CA ASN D 196 -10.13 14.59 24.81
C ASN D 196 -11.56 14.63 24.33
N ASP D 197 -12.01 15.79 23.86
CA ASP D 197 -13.39 15.94 23.40
C ASP D 197 -13.65 15.23 22.08
N HIS D 198 -12.61 14.83 21.35
CA HIS D 198 -12.83 14.08 20.12
C HIS D 198 -13.53 12.76 20.40
N PHE D 199 -13.09 12.03 21.43
CA PHE D 199 -13.64 10.72 21.77
C PHE D 199 -14.63 10.88 22.92
N ASP D 200 -15.85 11.28 22.58
CA ASP D 200 -16.91 11.43 23.57
C ASP D 200 -17.92 10.29 23.55
N THR D 201 -18.01 9.55 22.45
CA THR D 201 -18.86 8.36 22.37
C THR D 201 -18.08 7.26 21.66
N TYR D 202 -18.48 6.02 21.93
CA TYR D 202 -17.81 4.89 21.30
C TYR D 202 -17.91 4.94 19.79
N ALA D 203 -18.98 5.54 19.25
CA ALA D 203 -19.10 5.71 17.81
C ALA D 203 -17.96 6.57 17.27
N ASP D 204 -17.60 7.62 18.00
CA ASP D 204 -16.49 8.47 17.55
C ASP D 204 -15.18 7.69 17.56
N ALA D 205 -14.96 6.86 18.58
CA ALA D 205 -13.75 6.06 18.62
C ALA D 205 -13.70 5.07 17.47
N LEU D 206 -14.84 4.46 17.15
CA LEU D 206 -14.89 3.53 16.02
C LEU D 206 -14.59 4.26 14.71
N TRP D 207 -15.14 5.46 14.55
CA TRP D 207 -14.85 6.25 13.35
C TRP D 207 -13.36 6.57 13.26
N TRP D 208 -12.76 6.96 14.38
CA TRP D 208 -11.33 7.25 14.38
C TRP D 208 -10.53 6.01 14.01
N GLY D 209 -10.88 4.85 14.58
CA GLY D 209 -10.16 3.63 14.26
C GLY D 209 -10.28 3.26 12.81
N LEU D 210 -11.47 3.38 12.24
CA LEU D 210 -11.66 3.08 10.82
C LEU D 210 -10.83 4.02 9.96
N ILE D 211 -10.79 5.31 10.31
CA ILE D 211 -10.05 6.27 9.49
C ILE D 211 -8.55 6.13 9.67
N THR D 212 -8.08 5.57 10.78
CA THR D 212 -6.65 5.43 10.99
C THR D 212 -6.09 4.11 10.48
N LEU D 213 -6.83 3.00 10.64
CA LEU D 213 -6.32 1.72 10.18
C LEU D 213 -6.34 1.59 8.67
N THR D 214 -7.16 2.40 7.99
CA THR D 214 -7.08 2.50 6.54
C THR D 214 -5.99 3.45 6.07
N THR D 215 -5.37 4.20 6.99
CA THR D 215 -4.35 5.19 6.70
C THR D 215 -4.90 6.39 5.94
N ILE D 216 -6.21 6.61 5.98
CA ILE D 216 -6.78 7.82 5.38
C ILE D 216 -6.37 9.05 6.19
N GLY D 217 -6.52 8.97 7.51
CA GLY D 217 -6.04 10.02 8.40
C GLY D 217 -6.54 11.42 8.10
N TYR D 218 -7.84 11.66 8.30
CA TYR D 218 -8.38 12.99 8.09
C TYR D 218 -7.72 14.01 9.02
N GLY D 219 -7.54 13.65 10.28
CA GLY D 219 -7.07 14.57 11.29
C GLY D 219 -8.16 15.20 12.14
N ASP D 220 -9.43 14.92 11.83
CA ASP D 220 -10.51 15.46 12.66
C ASP D 220 -10.47 14.90 14.07
N LYS D 221 -9.98 13.67 14.24
CA LYS D 221 -9.84 13.04 15.55
C LYS D 221 -8.46 12.41 15.64
N TYR D 222 -7.84 12.52 16.82
CA TYR D 222 -6.58 11.84 17.08
C TYR D 222 -6.27 11.88 18.57
N PRO D 223 -5.61 10.85 19.10
CA PRO D 223 -5.34 10.83 20.55
C PRO D 223 -4.39 11.94 20.95
N GLN D 224 -4.57 12.41 22.19
CA GLN D 224 -3.75 13.51 22.71
C GLN D 224 -3.13 13.15 24.06
N THR D 225 -3.81 12.32 24.84
CA THR D 225 -3.24 11.87 26.10
C THR D 225 -2.14 10.83 25.84
N TRP D 226 -1.25 10.68 26.82
CA TRP D 226 -0.15 9.73 26.65
C TRP D 226 -0.66 8.30 26.53
N ASN D 227 -1.74 7.96 27.24
CA ASN D 227 -2.32 6.63 27.13
C ASN D 227 -2.73 6.34 25.69
N GLY D 228 -3.49 7.25 25.08
CA GLY D 228 -3.97 7.01 23.73
C GLY D 228 -2.83 6.86 22.73
N ARG D 229 -1.84 7.74 22.80
CA ARG D 229 -0.72 7.66 21.88
C ARG D 229 0.08 6.38 22.09
N LEU D 230 0.28 5.98 23.36
CA LEU D 230 1.02 4.76 23.63
C LEU D 230 0.28 3.54 23.08
N LEU D 231 -1.03 3.47 23.26
CA LEU D 231 -1.78 2.33 22.77
C LEU D 231 -1.83 2.31 21.24
N ALA D 232 -1.99 3.49 20.64
CA ALA D 232 -1.98 3.56 19.17
C ALA D 232 -0.65 3.08 18.62
N ALA D 233 0.46 3.51 19.22
CA ALA D 233 1.78 3.17 18.69
C ALA D 233 1.94 1.68 18.42
N THR D 234 1.11 0.84 19.02
CA THR D 234 1.12 -0.60 18.78
C THR D 234 -0.07 -1.05 17.94
N PHE D 235 -1.28 -0.67 18.33
CA PHE D 235 -2.45 -1.23 17.67
C PHE D 235 -2.58 -0.71 16.24
N THR D 236 -2.23 0.55 15.99
CA THR D 236 -2.25 1.02 14.61
C THR D 236 -1.17 0.36 13.77
N LEU D 237 0.00 0.09 14.36
CA LEU D 237 1.04 -0.61 13.62
C LEU D 237 0.56 -1.97 13.15
N ILE D 238 -0.17 -2.69 14.01
CA ILE D 238 -0.70 -4.00 13.59
C ILE D 238 -1.83 -3.81 12.58
N GLY D 239 -2.76 -2.89 12.87
CA GLY D 239 -3.96 -2.78 12.07
C GLY D 239 -3.71 -2.28 10.66
N VAL D 240 -2.73 -1.38 10.49
CA VAL D 240 -2.46 -0.85 9.17
C VAL D 240 -2.04 -1.98 8.22
N SER D 241 -1.15 -2.85 8.70
CA SER D 241 -0.74 -4.00 7.89
C SER D 241 -1.89 -4.93 7.64
N PHE D 242 -2.68 -5.25 8.67
CA PHE D 242 -3.77 -6.19 8.46
C PHE D 242 -4.91 -5.61 7.64
N PHE D 243 -4.94 -4.29 7.43
CA PHE D 243 -5.91 -3.67 6.54
C PHE D 243 -5.37 -3.51 5.12
N ALA D 244 -4.05 -3.40 4.97
CA ALA D 244 -3.46 -3.41 3.64
C ALA D 244 -3.35 -4.80 3.05
N LEU D 245 -3.42 -5.84 3.88
CA LEU D 245 -3.25 -7.21 3.40
C LEU D 245 -4.16 -7.58 2.23
N PRO D 246 -5.47 -7.32 2.26
CA PRO D 246 -6.34 -7.83 1.18
C PRO D 246 -5.93 -7.37 -0.21
N ALA D 247 -5.54 -6.11 -0.36
CA ALA D 247 -5.14 -5.61 -1.67
C ALA D 247 -3.89 -6.33 -2.17
N GLY D 248 -2.92 -6.54 -1.29
CA GLY D 248 -1.74 -7.27 -1.69
C GLY D 248 -2.04 -8.70 -2.09
N ILE D 249 -2.92 -9.36 -1.31
CA ILE D 249 -3.30 -10.73 -1.63
C ILE D 249 -3.93 -10.79 -3.02
N LEU D 250 -4.86 -9.88 -3.29
CA LEU D 250 -5.55 -9.91 -4.58
C LEU D 250 -4.62 -9.56 -5.73
N GLY D 251 -3.72 -8.60 -5.52
CA GLY D 251 -2.77 -8.28 -6.57
C GLY D 251 -1.84 -9.42 -6.91
N SER D 252 -1.31 -10.09 -5.87
CA SER D 252 -0.47 -11.25 -6.11
C SER D 252 -1.25 -12.37 -6.79
N GLY D 253 -2.53 -12.54 -6.40
CA GLY D 253 -3.36 -13.52 -7.07
C GLY D 253 -3.50 -13.25 -8.55
N PHE D 254 -3.78 -11.99 -8.89
CA PHE D 254 -3.90 -11.62 -10.30
C PHE D 254 -2.60 -11.88 -11.06
N ALA D 255 -1.47 -11.48 -10.47
CA ALA D 255 -0.19 -11.66 -11.16
C ALA D 255 0.12 -13.14 -11.36
N LEU D 256 -0.10 -13.96 -10.34
CA LEU D 256 0.16 -15.39 -10.46
C LEU D 256 -0.77 -16.03 -11.49
N LYS D 257 -2.03 -15.59 -11.53
CA LYS D 257 -2.95 -16.10 -12.54
C LYS D 257 -2.46 -15.77 -13.93
N VAL D 258 -1.97 -14.54 -14.14
CA VAL D 258 -1.42 -14.19 -15.45
C VAL D 258 -0.23 -15.08 -15.78
N GLN D 259 0.66 -15.28 -14.81
CA GLN D 259 1.85 -16.11 -15.08
C GLN D 259 1.43 -17.52 -15.51
N GLU D 260 0.53 -18.14 -14.75
CA GLU D 260 0.12 -19.50 -15.07
C GLU D 260 -0.60 -19.56 -16.41
N GLN D 261 -1.48 -18.59 -16.69
CA GLN D 261 -2.19 -18.57 -17.96
C GLN D 261 -1.21 -18.42 -19.12
N HIS D 262 -0.22 -17.54 -18.98
CA HIS D 262 0.73 -17.33 -20.05
C HIS D 262 1.55 -18.59 -20.30
N ARG D 263 2.05 -19.23 -19.24
CA ARG D 263 2.82 -20.45 -19.43
C ARG D 263 1.97 -21.54 -20.06
N GLN D 264 0.71 -21.69 -19.61
CA GLN D 264 -0.15 -22.72 -20.15
C GLN D 264 -0.43 -22.47 -21.63
N LYS D 265 -0.71 -21.22 -22.01
CA LYS D 265 -0.97 -20.91 -23.41
C LYS D 265 0.28 -21.11 -24.26
N HIS D 266 1.46 -20.80 -23.71
CA HIS D 266 2.68 -21.05 -24.46
C HIS D 266 2.92 -22.55 -24.64
N PHE D 267 2.50 -23.36 -23.66
CA PHE D 267 2.58 -24.81 -23.85
C PHE D 267 1.72 -25.26 -25.03
N GLU D 268 0.52 -24.69 -25.15
CA GLU D 268 -0.36 -24.99 -26.27
C GLU D 268 -1.09 -23.74 -26.73
#